data_8C5Q
#
_entry.id   8C5Q
#
_cell.length_a   127.521
_cell.length_b   127.521
_cell.length_c   125.065
_cell.angle_alpha   90.000
_cell.angle_beta   90.000
_cell.angle_gamma   90.000
#
_symmetry.space_group_name_H-M   'P 43 21 2'
#
loop_
_entity.id
_entity.type
_entity.pdbx_description
1 polymer 'Casein kinase II subunit alpha'
2 non-polymer 'SULFATE ION'
3 non-polymer '2-methylpropyl 5-fluoranyl-3-[1-[[1-[2-[[4-(2-methylpropyl)phenyl]sulfonylamino]ethyl]piperidin-4-yl]methyl]-1,2,3-triazol-4-yl]-1~{H}-indole-2-carboxylate'
4 non-polymer GLYCEROL
5 non-polymer 'CHLORIDE ION'
6 water water
#
_entity_poly.entity_id   1
_entity_poly.type   'polypeptide(L)'
_entity_poly.pdbx_seq_one_letter_code
;MHHHHHHSSGVDLGTENLYFQSMSGPVPSRARVYTDVNTHRPREYWDYESHVVEWGNQDDYQLVRKLGRGKYSEVFEAIN
ITNNEKVVVKILKPVKKKKIKREIKILENLRGGPNIITLADIVKDPVSRTPALVFEHVNNTDFKQLYQTLTDYDIRFYMY
EILKALDYCHSMGIMHRDVKPHNVMIDHEHRKLRLIDWGLAEFYHPGQEYNVRVASRYFKGPELLVDYQMYDYSLDMWSL
GCMLASMIFRKEPFFHGHDNYDQLVRIAKVLGTEDLYDYIDKYNIELDPRFNDILGRHSRKRWERFVHSENQHLVSPEAL
DFLDKLLRYDHQSRLTAREAMEHPYFYTVVKDQARMGSS
;
_entity_poly.pdbx_strand_id   A,B
#
loop_
_chem_comp.id
_chem_comp.type
_chem_comp.name
_chem_comp.formula
CL non-polymer 'CHLORIDE ION' 'Cl -1'
GOL non-polymer GLYCEROL 'C3 H8 O3'
SO4 non-polymer 'SULFATE ION' 'O4 S -2'
TL0 non-polymer '2-methylpropyl 5-fluoranyl-3-[1-[[1-[2-[[4-(2-methylpropyl)phenyl]sulfonylamino]ethyl]piperidin-4-yl]methyl]-1,2,3-triazol-4-yl]-1~{H}-indole-2-carboxylate' 'C33 H43 F N6 O4 S'
#
# COMPACT_ATOMS: atom_id res chain seq x y z
N GLY A 25 14.48 31.06 13.96
CA GLY A 25 15.18 29.85 13.57
C GLY A 25 14.24 28.66 13.58
N PRO A 26 14.79 27.44 13.48
CA PRO A 26 13.94 26.25 13.33
C PRO A 26 13.12 25.93 14.56
N VAL A 27 11.99 25.26 14.31
CA VAL A 27 11.03 24.90 15.36
C VAL A 27 11.55 23.69 16.12
N PRO A 28 11.54 23.71 17.45
CA PRO A 28 12.17 22.63 18.23
C PRO A 28 11.48 21.29 18.05
N SER A 29 12.03 20.24 18.64
CA SER A 29 11.41 18.93 18.52
C SER A 29 11.83 18.05 19.68
N ARG A 30 11.01 17.03 19.94
CA ARG A 30 11.22 16.06 20.99
C ARG A 30 10.75 14.69 20.53
N ALA A 31 11.40 13.63 21.01
CA ALA A 31 10.96 12.28 20.69
C ALA A 31 9.56 12.02 21.24
N ARG A 32 8.72 11.34 20.45
CA ARG A 32 7.39 10.91 20.91
C ARG A 32 7.50 9.91 22.05
N VAL A 33 8.58 9.12 22.11
CA VAL A 33 8.74 8.09 23.13
C VAL A 33 10.12 8.16 23.77
N TYR A 34 10.19 7.70 25.01
CA TYR A 34 11.45 7.60 25.74
C TYR A 34 12.09 8.97 25.86
N THR A 35 11.26 9.97 26.08
CA THR A 35 11.72 11.34 25.92
C THR A 35 12.69 11.74 27.02
N ASP A 36 12.33 11.47 28.28
CA ASP A 36 13.13 11.90 29.41
C ASP A 36 13.82 10.72 30.10
N VAL A 37 14.02 9.63 29.37
CA VAL A 37 14.66 8.43 29.90
C VAL A 37 16.00 8.76 30.56
N ASN A 38 16.82 9.60 29.93
CA ASN A 38 18.13 9.91 30.52
C ASN A 38 18.02 10.95 31.65
N THR A 39 17.12 11.92 31.53
CA THR A 39 16.95 12.87 32.63
C THR A 39 16.74 12.15 33.95
N HIS A 40 16.12 10.98 33.93
CA HIS A 40 15.78 10.28 35.16
C HIS A 40 16.88 9.36 35.62
N ARG A 41 17.85 9.09 34.79
CA ARG A 41 18.94 8.28 35.31
C ARG A 41 19.95 9.15 36.04
N PRO A 42 20.78 8.56 36.89
CA PRO A 42 21.88 9.32 37.50
C PRO A 42 22.84 9.81 36.43
N ARG A 43 23.51 10.92 36.77
CA ARG A 43 24.41 11.61 35.83
C ARG A 43 25.33 10.65 35.11
N GLU A 44 26.04 9.83 35.87
CA GLU A 44 27.08 8.97 35.32
C GLU A 44 26.55 8.08 34.21
N TYR A 45 25.24 7.85 34.13
CA TYR A 45 24.74 6.91 33.13
C TYR A 45 25.05 7.41 31.72
N TRP A 46 24.93 8.72 31.49
CA TRP A 46 25.07 9.29 30.15
C TRP A 46 26.21 10.27 30.02
N ASP A 47 26.85 10.65 31.14
CA ASP A 47 27.90 11.66 31.20
C ASP A 47 29.25 11.01 30.91
N TYR A 48 29.31 10.38 29.73
CA TYR A 48 30.40 9.48 29.44
C TYR A 48 31.75 10.14 29.56
N GLU A 49 31.82 11.45 29.35
CA GLU A 49 33.10 12.14 29.45
C GLU A 49 33.80 11.83 30.77
N SER A 50 33.04 11.58 31.83
CA SER A 50 33.62 11.32 33.15
C SER A 50 33.76 9.84 33.46
N HIS A 51 33.45 8.96 32.51
CA HIS A 51 33.62 7.52 32.72
C HIS A 51 35.09 7.15 32.63
N VAL A 52 35.58 6.35 33.59
CA VAL A 52 36.96 5.88 33.57
C VAL A 52 36.96 4.41 33.14
N VAL A 53 37.87 4.07 32.24
CA VAL A 53 37.86 2.80 31.53
C VAL A 53 38.55 1.71 32.35
N GLU A 54 37.88 0.55 32.45
CA GLU A 54 38.43 -0.64 33.08
C GLU A 54 39.24 -1.41 32.05
N TRP A 55 40.53 -1.07 31.97
CA TRP A 55 41.44 -1.76 31.05
C TRP A 55 41.69 -3.17 31.56
N GLY A 56 42.33 -3.97 30.70
CA GLY A 56 42.62 -5.35 31.01
C GLY A 56 43.86 -5.83 30.29
N ASN A 57 44.11 -7.13 30.42
CA ASN A 57 45.36 -7.73 29.96
C ASN A 57 45.27 -8.06 28.47
N GLN A 58 45.95 -7.26 27.65
CA GLN A 58 46.02 -7.49 26.22
C GLN A 58 46.77 -8.77 25.87
N ASP A 59 47.44 -9.40 26.83
CA ASP A 59 48.17 -10.64 26.62
C ASP A 59 47.30 -11.89 26.76
N ASP A 60 46.00 -11.74 27.02
CA ASP A 60 45.12 -12.89 27.09
C ASP A 60 44.51 -13.23 25.75
N TYR A 61 44.77 -12.41 24.74
CA TYR A 61 44.17 -12.59 23.43
C TYR A 61 45.28 -12.62 22.40
N GLN A 62 45.08 -13.45 21.39
CA GLN A 62 46.00 -13.58 20.28
C GLN A 62 45.18 -13.47 19.02
N LEU A 63 45.70 -12.70 18.05
CA LEU A 63 44.99 -12.50 16.80
C LEU A 63 45.22 -13.70 15.88
N VAL A 64 44.13 -14.22 15.33
CA VAL A 64 44.16 -15.31 14.37
C VAL A 64 44.14 -14.79 12.94
N ARG A 65 43.17 -13.94 12.62
CA ARG A 65 43.09 -13.45 11.26
C ARG A 65 42.24 -12.20 11.26
N LYS A 66 42.45 -11.35 10.25
CA LYS A 66 41.69 -10.10 10.10
C LYS A 66 40.32 -10.39 9.50
N LEU A 67 39.29 -9.72 10.01
CA LEU A 67 37.94 -9.88 9.51
C LEU A 67 37.40 -8.68 8.76
N GLY A 68 37.98 -7.50 8.91
CA GLY A 68 37.51 -6.34 8.18
C GLY A 68 38.26 -5.10 8.60
N ARG A 69 37.98 -3.99 7.91
CA ARG A 69 38.56 -2.72 8.28
C ARG A 69 37.65 -1.60 7.78
N GLY A 70 37.71 -0.47 8.49
CA GLY A 70 36.92 0.71 8.21
C GLY A 70 37.65 1.97 8.65
N LYS A 71 36.99 3.11 8.47
CA LYS A 71 37.64 4.39 8.76
C LYS A 71 38.03 4.50 10.23
N TYR A 72 37.27 3.88 11.13
CA TYR A 72 37.51 4.00 12.57
C TYR A 72 37.98 2.72 13.27
N SER A 73 38.27 1.63 12.56
CA SER A 73 38.65 0.41 13.29
C SER A 73 39.03 -0.71 12.35
N GLU A 74 39.81 -1.66 12.88
CA GLU A 74 40.17 -2.91 12.22
C GLU A 74 39.77 -4.06 13.14
N VAL A 75 39.14 -5.09 12.58
CA VAL A 75 38.49 -6.13 13.37
C VAL A 75 39.18 -7.46 13.10
N PHE A 76 39.50 -8.19 14.15
CA PHE A 76 40.22 -9.45 14.03
C PHE A 76 39.46 -10.57 14.72
N GLU A 77 39.50 -11.76 14.15
CA GLU A 77 39.20 -12.93 14.93
C GLU A 77 40.35 -13.17 15.90
N ALA A 78 40.02 -13.58 17.12
CA ALA A 78 41.05 -13.76 18.14
C ALA A 78 40.65 -14.90 19.06
N ILE A 79 41.61 -15.36 19.84
CA ILE A 79 41.37 -16.40 20.84
C ILE A 79 41.87 -15.89 22.20
N ASN A 80 41.02 -16.05 23.20
CA ASN A 80 41.40 -15.77 24.59
C ASN A 80 42.19 -16.96 25.11
N ILE A 81 43.51 -16.80 25.28
CA ILE A 81 44.33 -17.95 25.68
C ILE A 81 44.10 -18.29 27.15
N THR A 82 43.29 -17.48 27.84
CA THR A 82 42.83 -17.82 29.18
C THR A 82 41.87 -19.01 29.17
N ASN A 83 40.96 -19.03 28.20
CA ASN A 83 39.87 -20.01 28.19
C ASN A 83 39.67 -20.69 26.85
N ASN A 84 40.56 -20.48 25.88
CA ASN A 84 40.44 -21.05 24.54
C ASN A 84 39.25 -20.50 23.76
N GLU A 85 38.49 -19.54 24.32
CA GLU A 85 37.28 -19.08 23.65
C GLU A 85 37.64 -18.20 22.48
N LYS A 86 37.01 -18.44 21.33
CA LYS A 86 37.29 -17.54 20.22
C LYS A 86 36.45 -16.28 20.40
N VAL A 87 36.96 -15.17 19.85
CA VAL A 87 36.60 -13.83 20.29
C VAL A 87 36.89 -12.89 19.13
N VAL A 88 36.28 -11.71 19.17
CA VAL A 88 36.52 -10.69 18.15
C VAL A 88 37.16 -9.49 18.83
N VAL A 89 38.30 -9.04 18.30
CA VAL A 89 39.05 -7.92 18.82
C VAL A 89 38.91 -6.80 17.80
N LYS A 90 38.48 -5.62 18.26
CA LYS A 90 38.25 -4.46 17.41
C LYS A 90 39.24 -3.38 17.83
N ILE A 91 40.26 -3.15 17.02
CA ILE A 91 41.30 -2.20 17.37
C ILE A 91 40.91 -0.83 16.86
N LEU A 92 40.84 0.15 17.75
CA LEU A 92 40.36 1.48 17.43
C LEU A 92 41.46 2.34 16.85
N LYS A 93 41.14 3.08 15.79
CA LYS A 93 42.08 4.07 15.30
C LYS A 93 41.92 5.37 16.08
N PRO A 94 42.90 6.26 15.98
CA PRO A 94 42.84 7.51 16.74
C PRO A 94 41.51 8.26 16.59
N VAL A 95 40.77 8.39 17.69
CA VAL A 95 39.69 9.36 17.86
C VAL A 95 39.93 10.07 19.19
N LYS A 96 39.07 11.04 19.50
CA LYS A 96 39.11 11.71 20.80
C LYS A 96 38.82 10.67 21.90
N LYS A 97 39.52 10.78 23.04
CA LYS A 97 39.24 9.87 24.15
C LYS A 97 37.74 9.79 24.45
N LYS A 98 37.04 10.95 24.45
CA LYS A 98 35.61 10.94 24.77
C LYS A 98 34.78 10.14 23.77
N LYS A 99 35.15 10.11 22.49
CA LYS A 99 34.45 9.24 21.55
C LYS A 99 34.58 7.78 21.96
N ILE A 100 35.78 7.36 22.34
CA ILE A 100 35.97 6.01 22.87
C ILE A 100 35.13 5.80 24.11
N LYS A 101 35.29 6.69 25.11
CA LYS A 101 34.47 6.58 26.33
C LYS A 101 33.00 6.46 25.97
N ARG A 102 32.56 7.21 24.95
CA ARG A 102 31.17 7.14 24.51
C ARG A 102 30.80 5.73 24.09
N GLU A 103 31.52 5.16 23.11
CA GLU A 103 31.22 3.80 22.68
C GLU A 103 31.28 2.82 23.84
N ILE A 104 32.33 2.91 24.66
CA ILE A 104 32.46 1.99 25.80
C ILE A 104 31.25 2.12 26.71
N LYS A 105 30.83 3.36 26.98
CA LYS A 105 29.77 3.56 27.96
C LYS A 105 28.45 3.02 27.43
N ILE A 106 28.15 3.30 26.17
CA ILE A 106 26.92 2.81 25.58
C ILE A 106 26.90 1.28 25.56
N LEU A 107 28.04 0.66 25.25
CA LEU A 107 28.11 -0.79 25.18
C LEU A 107 27.90 -1.44 26.54
N GLU A 108 28.42 -0.81 27.58
CA GLU A 108 28.23 -1.35 28.92
C GLU A 108 26.79 -1.13 29.38
N ASN A 109 26.27 0.08 29.16
CA ASN A 109 24.86 0.32 29.45
C ASN A 109 23.95 -0.70 28.75
N LEU A 110 24.27 -1.06 27.51
CA LEU A 110 23.38 -1.95 26.79
C LEU A 110 23.71 -3.43 26.95
N ARG A 111 24.81 -3.77 27.63
CA ARG A 111 25.21 -5.17 27.76
C ARG A 111 24.04 -6.01 28.27
N GLY A 112 23.75 -7.09 27.57
CA GLY A 112 22.70 -8.01 27.96
C GLY A 112 21.37 -7.78 27.29
N GLY A 113 21.18 -6.64 26.63
CA GLY A 113 19.95 -6.38 25.94
C GLY A 113 19.78 -7.30 24.75
N PRO A 114 18.52 -7.50 24.33
CA PRO A 114 18.23 -8.46 23.24
C PRO A 114 18.94 -8.09 21.96
N ASN A 115 19.80 -8.98 21.48
CA ASN A 115 20.49 -8.83 20.20
C ASN A 115 21.46 -7.65 20.16
N ILE A 116 21.96 -7.21 21.31
CA ILE A 116 23.07 -6.27 21.35
C ILE A 116 24.37 -7.07 21.41
N ILE A 117 25.36 -6.66 20.61
CA ILE A 117 26.67 -7.31 20.74
C ILE A 117 27.21 -7.07 22.15
N THR A 118 27.83 -8.10 22.71
CA THR A 118 28.34 -8.06 24.08
C THR A 118 29.78 -7.58 24.11
N LEU A 119 30.04 -6.46 24.76
CA LEU A 119 31.43 -6.09 25.00
C LEU A 119 31.98 -6.98 26.12
N ALA A 120 33.06 -7.71 25.85
CA ALA A 120 33.66 -8.65 26.79
C ALA A 120 34.83 -8.08 27.58
N ASP A 121 35.69 -7.25 26.96
CA ASP A 121 36.87 -6.76 27.65
C ASP A 121 37.35 -5.49 26.96
N ILE A 122 38.26 -4.79 27.60
CA ILE A 122 38.81 -3.54 27.08
C ILE A 122 40.30 -3.57 27.39
N VAL A 123 41.12 -3.63 26.34
CA VAL A 123 42.56 -3.76 26.51
C VAL A 123 43.27 -2.73 25.63
N LYS A 124 44.53 -2.51 25.96
CA LYS A 124 45.37 -1.55 25.27
C LYS A 124 46.73 -2.20 25.06
N ASP A 125 47.25 -2.10 23.85
CA ASP A 125 48.56 -2.69 23.59
C ASP A 125 49.63 -1.99 24.44
N PRO A 126 50.54 -2.72 25.08
CA PRO A 126 51.48 -2.05 25.99
C PRO A 126 52.40 -1.06 25.29
N VAL A 127 52.99 -1.46 24.16
CA VAL A 127 53.92 -0.60 23.43
C VAL A 127 53.16 0.39 22.55
N SER A 128 52.30 -0.12 21.66
CA SER A 128 51.52 0.77 20.81
C SER A 128 50.64 1.70 21.63
N ARG A 129 49.94 1.16 22.63
CA ARG A 129 48.99 1.89 23.46
C ARG A 129 47.73 2.25 22.70
N THR A 130 47.50 1.61 21.55
CA THR A 130 46.21 1.71 20.86
C THR A 130 45.15 0.92 21.64
N PRO A 131 44.00 1.50 21.94
CA PRO A 131 42.95 0.75 22.64
C PRO A 131 42.21 -0.19 21.71
N ALA A 132 41.69 -1.27 22.28
CA ALA A 132 40.95 -2.28 21.52
C ALA A 132 39.80 -2.80 22.34
N LEU A 133 38.65 -3.05 21.72
CA LEU A 133 37.53 -3.67 22.41
C LEU A 133 37.41 -5.14 22.05
N VAL A 134 37.05 -5.96 23.02
CA VAL A 134 36.96 -7.41 22.84
C VAL A 134 35.50 -7.82 22.98
N PHE A 135 34.96 -8.48 21.94
CA PHE A 135 33.54 -8.78 21.83
C PHE A 135 33.30 -10.29 21.76
N GLU A 136 32.08 -10.68 22.10
CA GLU A 136 31.60 -12.01 21.76
C GLU A 136 31.78 -12.24 20.27
N HIS A 137 32.13 -13.46 19.90
CA HIS A 137 32.29 -13.83 18.50
C HIS A 137 30.91 -14.18 17.92
N VAL A 138 30.57 -13.59 16.77
CA VAL A 138 29.42 -14.04 16.00
C VAL A 138 29.90 -14.55 14.65
N ASN A 139 29.50 -15.77 14.30
CA ASN A 139 29.96 -16.36 13.04
C ASN A 139 29.13 -15.78 11.90
N ASN A 140 29.79 -15.04 11.01
CA ASN A 140 29.14 -14.56 9.80
C ASN A 140 29.64 -15.38 8.62
N THR A 141 30.72 -14.90 7.98
CA THR A 141 31.36 -15.56 6.85
C THR A 141 30.40 -16.48 6.10
N ASP A 142 29.45 -15.88 5.40
CA ASP A 142 28.29 -16.54 4.80
C ASP A 142 27.40 -15.45 4.18
N PHE A 143 27.78 -14.19 4.42
CA PHE A 143 26.89 -13.08 4.16
C PHE A 143 26.51 -12.99 2.68
N LYS A 144 27.50 -13.04 1.78
CA LYS A 144 27.22 -12.79 0.38
C LYS A 144 26.10 -13.71 -0.13
N GLN A 145 26.30 -15.02 0.00
CA GLN A 145 25.25 -15.96 -0.39
C GLN A 145 23.96 -15.73 0.40
N LEU A 146 24.07 -15.65 1.74
CA LEU A 146 22.86 -15.45 2.54
C LEU A 146 22.08 -14.23 2.09
N TYR A 147 22.78 -13.20 1.59
CA TYR A 147 22.12 -11.96 1.24
C TYR A 147 21.13 -12.14 0.09
N GLN A 148 21.41 -13.07 -0.83
CA GLN A 148 20.55 -13.36 -1.98
C GLN A 148 20.03 -14.79 -1.92
N THR A 149 19.62 -15.22 -0.73
CA THR A 149 18.82 -16.43 -0.59
C THR A 149 17.93 -16.33 0.65
N LEU A 150 17.79 -15.15 1.24
CA LEU A 150 16.83 -14.94 2.30
C LEU A 150 15.42 -15.03 1.73
N THR A 151 14.58 -15.82 2.38
CA THR A 151 13.19 -15.88 1.98
C THR A 151 12.42 -14.71 2.59
N ASP A 152 11.22 -14.49 2.03
CA ASP A 152 10.31 -13.55 2.65
C ASP A 152 10.25 -13.76 4.15
N TYR A 153 10.26 -15.01 4.61
CA TYR A 153 10.11 -15.25 6.04
C TYR A 153 11.38 -14.90 6.80
N ASP A 154 12.54 -15.29 6.25
CA ASP A 154 13.80 -14.89 6.86
C ASP A 154 13.86 -13.39 7.08
N ILE A 155 13.38 -12.60 6.11
CA ILE A 155 13.48 -11.16 6.24
C ILE A 155 12.59 -10.65 7.36
N ARG A 156 11.33 -11.08 7.38
CA ARG A 156 10.45 -10.71 8.49
C ARG A 156 11.09 -11.07 9.83
N PHE A 157 11.63 -12.28 9.93
CA PHE A 157 12.20 -12.76 11.18
C PHE A 157 13.41 -11.92 11.60
N TYR A 158 14.32 -11.64 10.67
CA TYR A 158 15.53 -10.92 11.06
C TYR A 158 15.25 -9.45 11.28
N MET A 159 14.25 -8.91 10.58
CA MET A 159 13.79 -7.56 10.87
C MET A 159 13.22 -7.49 12.26
N TYR A 160 12.50 -8.53 12.68
CA TYR A 160 11.97 -8.53 14.03
C TYR A 160 13.09 -8.54 15.05
N GLU A 161 14.15 -9.30 14.78
CA GLU A 161 15.24 -9.32 15.73
C GLU A 161 15.93 -7.95 15.82
N ILE A 162 16.07 -7.25 14.69
CA ILE A 162 16.67 -5.91 14.75
C ILE A 162 15.82 -4.97 15.60
N LEU A 163 14.50 -5.01 15.39
CA LEU A 163 13.59 -4.14 16.13
C LEU A 163 13.68 -4.41 17.62
N LYS A 164 13.80 -5.68 18.02
CA LYS A 164 14.02 -5.97 19.43
C LYS A 164 15.19 -5.17 19.98
N ALA A 165 16.25 -5.02 19.19
CA ALA A 165 17.45 -4.35 19.69
C ALA A 165 17.27 -2.84 19.67
N LEU A 166 16.69 -2.31 18.59
CA LEU A 166 16.37 -0.90 18.53
C LEU A 166 15.41 -0.49 19.65
N ASP A 167 14.32 -1.25 19.88
CA ASP A 167 13.45 -0.87 20.98
C ASP A 167 14.23 -0.83 22.29
N TYR A 168 15.03 -1.85 22.54
CA TYR A 168 15.80 -1.86 23.79
C TYR A 168 16.67 -0.60 23.92
N CYS A 169 17.50 -0.32 22.92
CA CYS A 169 18.45 0.76 23.08
C CYS A 169 17.72 2.09 23.15
N HIS A 170 16.66 2.27 22.35
CA HIS A 170 15.85 3.48 22.47
C HIS A 170 15.31 3.64 23.88
N SER A 171 14.64 2.61 24.40
CA SER A 171 14.18 2.65 25.78
C SER A 171 15.34 2.91 26.76
N MET A 172 16.57 2.51 26.41
CA MET A 172 17.73 2.87 27.23
C MET A 172 18.33 4.24 26.89
N GLY A 173 17.63 5.09 26.13
CA GLY A 173 18.14 6.43 25.91
C GLY A 173 19.19 6.57 24.83
N ILE A 174 19.31 5.61 23.93
CA ILE A 174 20.43 5.57 23.01
C ILE A 174 19.94 5.50 21.56
N MET A 175 20.49 6.36 20.72
CA MET A 175 20.33 6.31 19.28
C MET A 175 21.52 5.55 18.71
N HIS A 176 21.27 4.63 17.78
CA HIS A 176 22.40 3.95 17.16
C HIS A 176 23.10 4.86 16.15
N ARG A 177 22.34 5.41 15.22
CA ARG A 177 22.77 6.40 14.23
C ARG A 177 23.60 5.84 13.08
N ASP A 178 23.81 4.53 13.01
CA ASP A 178 24.47 3.93 11.85
C ASP A 178 23.83 2.58 11.55
N VAL A 179 22.51 2.52 11.63
CA VAL A 179 21.79 1.31 11.21
C VAL A 179 22.00 1.13 9.72
N LYS A 180 22.43 -0.10 9.32
CA LYS A 180 22.66 -0.50 7.94
C LYS A 180 23.11 -1.96 7.88
N PRO A 181 22.94 -2.64 6.73
CA PRO A 181 23.26 -4.08 6.68
C PRO A 181 24.59 -4.46 7.31
N HIS A 182 25.67 -3.75 6.98
CA HIS A 182 26.97 -4.20 7.44
C HIS A 182 27.10 -4.08 8.96
N ASN A 183 26.22 -3.31 9.62
CA ASN A 183 26.25 -3.24 11.06
C ASN A 183 25.30 -4.24 11.71
N VAL A 184 24.89 -5.26 10.98
CA VAL A 184 24.13 -6.38 11.49
C VAL A 184 24.94 -7.64 11.23
N MET A 185 25.08 -8.48 12.24
CA MET A 185 25.84 -9.72 12.14
C MET A 185 24.91 -10.90 12.36
N ILE A 186 24.84 -11.79 11.37
CA ILE A 186 23.86 -12.88 11.39
C ILE A 186 24.61 -14.18 11.20
N ASP A 187 24.53 -15.04 12.20
CA ASP A 187 24.94 -16.43 12.06
C ASP A 187 23.67 -17.20 11.74
N HIS A 188 23.41 -17.39 10.44
CA HIS A 188 22.17 -18.03 10.03
C HIS A 188 22.08 -19.46 10.53
N GLU A 189 23.22 -20.17 10.65
CA GLU A 189 23.20 -21.54 11.14
C GLU A 189 22.49 -21.65 12.48
N HIS A 190 22.57 -20.61 13.32
CA HIS A 190 21.89 -20.59 14.61
C HIS A 190 20.89 -19.45 14.70
N ARG A 191 20.40 -18.97 13.55
CA ARG A 191 19.42 -17.90 13.47
C ARG A 191 19.66 -16.89 14.60
N LYS A 192 20.90 -16.41 14.67
CA LYS A 192 21.41 -15.54 15.72
C LYS A 192 21.84 -14.22 15.08
N LEU A 193 21.44 -13.10 15.67
CA LEU A 193 21.70 -11.80 15.08
C LEU A 193 22.05 -10.80 16.17
N ARG A 194 23.13 -10.03 15.94
CA ARG A 194 23.58 -8.99 16.86
C ARG A 194 23.75 -7.71 16.08
N LEU A 195 23.42 -6.60 16.73
CA LEU A 195 23.58 -5.25 16.19
C LEU A 195 24.91 -4.70 16.71
N ILE A 196 25.81 -4.32 15.77
CA ILE A 196 27.18 -3.98 16.11
C ILE A 196 27.54 -2.56 15.72
N ASP A 197 28.81 -2.19 15.94
CA ASP A 197 29.40 -0.87 15.75
C ASP A 197 28.58 0.26 16.34
N TRP A 198 28.75 0.46 17.64
CA TRP A 198 28.14 1.54 18.37
C TRP A 198 29.04 2.78 18.41
N GLY A 199 30.02 2.86 17.50
CA GLY A 199 30.87 4.03 17.44
C GLY A 199 30.14 5.33 17.14
N LEU A 200 29.00 5.27 16.47
CA LEU A 200 28.31 6.50 16.11
C LEU A 200 27.19 6.87 17.06
N ALA A 201 26.91 6.06 18.08
CA ALA A 201 25.70 6.22 18.87
C ALA A 201 25.86 7.33 19.91
N GLU A 202 24.73 8.00 20.22
CA GLU A 202 24.69 9.02 21.27
C GLU A 202 23.55 8.73 22.23
N PHE A 203 23.56 9.46 23.34
CA PHE A 203 22.41 9.48 24.24
C PHE A 203 21.45 10.58 23.80
N TYR A 204 20.14 10.28 23.87
CA TYR A 204 19.14 11.27 23.52
C TYR A 204 18.82 12.15 24.72
N HIS A 205 18.94 13.46 24.54
CA HIS A 205 18.51 14.42 25.54
C HIS A 205 17.57 15.40 24.88
N PRO A 206 16.36 15.60 25.40
CA PRO A 206 15.41 16.49 24.73
C PRO A 206 16.00 17.88 24.53
N GLY A 207 15.75 18.45 23.35
CA GLY A 207 16.24 19.76 23.05
C GLY A 207 17.70 19.83 22.68
N GLN A 208 18.43 18.72 22.68
CA GLN A 208 19.81 18.74 22.22
C GLN A 208 19.92 18.76 20.70
N GLU A 209 20.97 19.40 20.22
CA GLU A 209 21.24 19.54 18.80
C GLU A 209 22.45 18.70 18.43
N TYR A 210 22.25 17.73 17.55
CA TYR A 210 23.25 16.73 17.27
C TYR A 210 23.96 17.00 15.95
N ASN A 211 25.13 16.38 15.79
CA ASN A 211 25.90 16.45 14.55
C ASN A 211 25.14 15.73 13.42
N VAL A 212 24.94 16.42 12.29
CA VAL A 212 24.23 15.78 11.18
C VAL A 212 25.14 14.89 10.34
N ARG A 213 26.44 14.86 10.62
CA ARG A 213 27.37 14.09 9.79
C ARG A 213 27.55 12.69 10.38
N VAL A 214 26.46 11.92 10.34
CA VAL A 214 26.47 10.56 10.86
C VAL A 214 25.81 9.64 9.85
N ALA A 215 26.23 8.36 9.89
CA ALA A 215 25.62 7.28 9.13
C ALA A 215 26.04 7.28 7.68
N SER A 216 25.97 6.13 7.02
CA SER A 216 26.35 6.10 5.62
C SER A 216 25.36 6.90 4.77
N ARG A 217 25.84 7.32 3.60
CA ARG A 217 25.07 8.21 2.74
C ARG A 217 23.72 7.62 2.36
N TYR A 218 23.72 6.37 1.90
CA TYR A 218 22.49 5.75 1.44
C TYR A 218 21.48 5.59 2.56
N PHE A 219 21.91 5.66 3.83
CA PHE A 219 21.00 5.47 4.96
C PHE A 219 20.71 6.75 5.73
N LYS A 220 21.28 7.88 5.33
CA LYS A 220 21.05 9.10 6.07
C LYS A 220 19.59 9.53 5.96
N GLY A 221 19.03 9.98 7.09
CA GLY A 221 17.67 10.41 7.14
C GLY A 221 17.52 11.80 6.56
N PRO A 222 16.31 12.14 6.11
CA PRO A 222 16.07 13.50 5.62
C PRO A 222 16.52 14.59 6.60
N GLU A 223 16.20 14.43 7.89
CA GLU A 223 16.64 15.41 8.89
C GLU A 223 18.14 15.70 8.79
N LEU A 224 18.97 14.67 8.61
CA LEU A 224 20.40 14.93 8.46
C LEU A 224 20.69 15.61 7.13
N LEU A 225 19.98 15.19 6.08
CA LEU A 225 20.28 15.71 4.75
C LEU A 225 19.95 17.20 4.63
N VAL A 226 18.94 17.70 5.35
CA VAL A 226 18.58 19.12 5.30
C VAL A 226 19.09 19.88 6.50
N ASP A 227 19.80 19.21 7.40
CA ASP A 227 20.52 19.85 8.48
C ASP A 227 19.58 20.30 9.60
N TYR A 228 18.64 19.45 9.96
CA TYR A 228 17.84 19.62 11.17
C TYR A 228 18.52 18.85 12.30
N GLN A 229 19.03 19.57 13.29
CA GLN A 229 19.89 18.96 14.30
C GLN A 229 19.18 18.42 15.52
N MET A 230 17.91 18.72 15.72
CA MET A 230 17.24 18.26 16.94
C MET A 230 16.45 16.98 16.65
N TYR A 231 17.19 15.95 16.23
CA TYR A 231 16.59 14.67 15.83
C TYR A 231 16.68 13.69 17.01
N ASP A 232 16.22 12.45 16.79
CA ASP A 232 16.05 11.54 17.93
C ASP A 232 16.10 10.09 17.43
N TYR A 233 15.57 9.17 18.24
CA TYR A 233 15.63 7.76 17.88
C TYR A 233 15.00 7.48 16.52
N SER A 234 13.91 8.19 16.18
CA SER A 234 13.27 7.96 14.90
C SER A 234 14.23 8.03 13.74
N LEU A 235 15.43 8.58 13.93
CA LEU A 235 16.43 8.55 12.87
C LEU A 235 16.78 7.12 12.51
N ASP A 236 16.81 6.23 13.51
CA ASP A 236 17.17 4.84 13.22
C ASP A 236 16.07 4.18 12.42
N MET A 237 14.82 4.57 12.68
CA MET A 237 13.67 3.98 12.01
C MET A 237 13.72 4.25 10.51
N TRP A 238 14.14 5.47 10.11
CA TRP A 238 14.32 5.73 8.68
C TRP A 238 15.34 4.79 8.08
N SER A 239 16.47 4.59 8.77
CA SER A 239 17.52 3.75 8.21
C SER A 239 17.07 2.31 8.11
N LEU A 240 16.27 1.86 9.07
CA LEU A 240 15.66 0.54 8.94
C LEU A 240 14.84 0.46 7.66
N GLY A 241 14.07 1.50 7.36
CA GLY A 241 13.25 1.44 6.16
C GLY A 241 14.08 1.23 4.92
N CYS A 242 15.22 1.93 4.84
CA CYS A 242 16.09 1.80 3.67
C CYS A 242 16.64 0.37 3.59
N MET A 243 17.11 -0.17 4.74
CA MET A 243 17.52 -1.56 4.81
C MET A 243 16.40 -2.47 4.28
N LEU A 244 15.22 -2.37 4.90
CA LEU A 244 14.07 -3.16 4.49
C LEU A 244 13.81 -3.05 2.99
N ALA A 245 13.77 -1.83 2.48
CA ALA A 245 13.43 -1.65 1.07
C ALA A 245 14.41 -2.39 0.16
N SER A 246 15.71 -2.24 0.40
CA SER A 246 16.66 -2.90 -0.49
C SER A 246 16.52 -4.42 -0.40
N MET A 247 16.22 -4.94 0.79
CA MET A 247 16.00 -6.37 0.94
C MET A 247 14.79 -6.85 0.15
N ILE A 248 13.65 -6.14 0.25
CA ILE A 248 12.46 -6.69 -0.39
C ILE A 248 12.38 -6.39 -1.90
N PHE A 249 12.92 -5.25 -2.37
CA PHE A 249 12.98 -4.97 -3.80
C PHE A 249 14.26 -5.47 -4.44
N ARG A 250 15.22 -5.99 -3.67
CA ARG A 250 16.46 -6.49 -4.24
C ARG A 250 17.16 -5.38 -4.99
N LYS A 251 17.21 -4.21 -4.36
CA LYS A 251 17.84 -3.01 -4.92
C LYS A 251 18.77 -2.44 -3.86
N GLU A 252 20.08 -2.60 -4.06
CA GLU A 252 21.09 -2.15 -3.08
C GLU A 252 22.04 -1.17 -3.76
N PRO A 253 22.06 0.09 -3.35
CA PRO A 253 21.23 0.70 -2.32
C PRO A 253 19.88 1.14 -2.87
N PHE A 254 18.85 1.27 -2.04
CA PHE A 254 17.56 1.71 -2.56
C PHE A 254 17.66 3.14 -3.09
N PHE A 255 18.03 4.07 -2.22
CA PHE A 255 18.21 5.47 -2.60
C PHE A 255 19.68 5.67 -2.94
N HIS A 256 20.00 5.62 -4.23
CA HIS A 256 21.38 5.52 -4.72
C HIS A 256 21.92 6.93 -5.01
N GLY A 257 22.32 7.61 -3.94
CA GLY A 257 22.67 9.03 -4.04
C GLY A 257 24.15 9.25 -4.34
N HIS A 258 24.40 10.20 -5.24
CA HIS A 258 25.78 10.51 -5.60
C HIS A 258 26.53 11.16 -4.45
N ASP A 259 25.83 11.91 -3.62
CA ASP A 259 26.42 12.62 -2.48
C ASP A 259 25.25 13.11 -1.63
N ASN A 260 25.54 13.92 -0.62
CA ASN A 260 24.49 14.25 0.34
C ASN A 260 23.38 15.07 -0.28
N TYR A 261 23.67 15.89 -1.29
CA TYR A 261 22.60 16.66 -1.91
C TYR A 261 21.73 15.79 -2.80
N ASP A 262 22.37 15.04 -3.71
CA ASP A 262 21.65 14.15 -4.60
C ASP A 262 21.01 12.97 -3.88
N GLN A 263 21.35 12.74 -2.62
CA GLN A 263 20.65 11.71 -1.87
C GLN A 263 19.27 12.19 -1.46
N LEU A 264 19.14 13.48 -1.12
CA LEU A 264 17.81 14.04 -0.88
C LEU A 264 17.03 14.17 -2.17
N VAL A 265 17.73 14.35 -3.29
CA VAL A 265 17.07 14.28 -4.60
C VAL A 265 16.50 12.88 -4.81
N ARG A 266 17.31 11.84 -4.53
CA ARG A 266 16.86 10.49 -4.85
C ARG A 266 15.65 10.13 -4.00
N ILE A 267 15.63 10.60 -2.76
CA ILE A 267 14.47 10.34 -1.90
C ILE A 267 13.24 11.03 -2.49
N ALA A 268 13.40 12.30 -2.84
CA ALA A 268 12.26 13.09 -3.25
C ALA A 268 11.62 12.50 -4.48
N LYS A 269 12.43 11.92 -5.38
CA LYS A 269 11.82 11.32 -6.55
C LYS A 269 11.07 10.03 -6.24
N VAL A 270 11.12 9.52 -5.02
CA VAL A 270 10.21 8.47 -4.60
C VAL A 270 9.12 9.00 -3.69
N LEU A 271 9.51 9.67 -2.60
CA LEU A 271 8.53 10.16 -1.64
C LEU A 271 7.77 11.38 -2.16
N GLY A 272 8.19 11.95 -3.28
CA GLY A 272 7.60 13.17 -3.77
C GLY A 272 8.15 14.39 -3.07
N THR A 273 7.99 15.54 -3.71
CA THR A 273 8.50 16.79 -3.13
C THR A 273 7.46 17.51 -2.30
N GLU A 274 6.17 17.35 -2.58
CA GLU A 274 5.19 18.07 -1.77
C GLU A 274 5.35 17.74 -0.28
N ASP A 275 5.40 16.45 0.06
CA ASP A 275 5.60 16.10 1.46
C ASP A 275 6.90 16.66 2.01
N LEU A 276 7.88 16.91 1.14
CA LEU A 276 9.18 17.38 1.59
C LEU A 276 9.12 18.85 1.97
N TYR A 277 8.50 19.66 1.12
CA TYR A 277 8.40 21.07 1.43
C TYR A 277 7.42 21.30 2.58
N ASP A 278 6.44 20.41 2.76
CA ASP A 278 5.63 20.46 3.97
C ASP A 278 6.50 20.26 5.20
N TYR A 279 7.30 19.20 5.21
CA TYR A 279 8.29 19.00 6.26
C TYR A 279 9.10 20.26 6.49
N ILE A 280 9.58 20.89 5.42
CA ILE A 280 10.45 22.05 5.60
C ILE A 280 9.69 23.19 6.27
N ASP A 281 8.51 23.53 5.73
CA ASP A 281 7.63 24.47 6.40
C ASP A 281 7.53 24.15 7.88
N LYS A 282 6.94 22.99 8.21
CA LYS A 282 6.48 22.75 9.56
C LYS A 282 7.58 23.03 10.58
N TYR A 283 8.79 22.57 10.31
CA TYR A 283 9.89 22.79 11.23
C TYR A 283 10.72 24.02 10.87
N ASN A 284 10.23 24.83 9.94
CA ASN A 284 10.90 26.08 9.60
C ASN A 284 12.38 25.83 9.36
N ILE A 285 12.66 24.82 8.56
CA ILE A 285 14.03 24.47 8.25
C ILE A 285 14.55 25.39 7.15
N GLU A 286 15.79 25.83 7.30
CA GLU A 286 16.43 26.69 6.31
C GLU A 286 17.19 25.80 5.32
N LEU A 287 16.67 25.67 4.10
CA LEU A 287 17.29 24.82 3.10
C LEU A 287 18.57 25.45 2.57
N ASP A 288 19.61 24.64 2.43
CA ASP A 288 20.81 25.10 1.77
C ASP A 288 20.46 25.62 0.37
N PRO A 289 20.84 26.85 0.01
CA PRO A 289 20.44 27.37 -1.32
C PRO A 289 20.82 26.43 -2.46
N ARG A 290 21.82 25.57 -2.24
CA ARG A 290 22.19 24.57 -3.23
C ARG A 290 20.98 23.78 -3.71
N PHE A 291 20.15 23.29 -2.78
CA PHE A 291 19.00 22.49 -3.17
C PHE A 291 18.09 23.21 -4.17
N ASN A 292 18.06 24.54 -4.12
CA ASN A 292 17.19 25.32 -5.01
C ASN A 292 17.09 24.71 -6.39
N ASP A 293 18.23 24.43 -7.02
CA ASP A 293 18.24 24.09 -8.44
C ASP A 293 18.15 22.59 -8.71
N ILE A 294 18.08 21.74 -7.68
CA ILE A 294 18.22 20.30 -7.88
C ILE A 294 17.07 19.48 -7.30
N LEU A 295 16.21 20.04 -6.44
CA LEU A 295 15.16 19.24 -5.83
C LEU A 295 13.95 19.06 -6.73
N GLY A 296 13.67 19.99 -7.64
CA GLY A 296 12.61 19.85 -8.62
C GLY A 296 11.19 19.74 -8.06
N ARG A 297 10.28 19.23 -8.91
CA ARG A 297 8.93 18.83 -8.54
C ARG A 297 8.74 17.36 -8.86
N HIS A 298 8.29 16.57 -7.89
CA HIS A 298 8.14 15.13 -8.08
C HIS A 298 6.96 14.61 -7.30
N SER A 299 6.11 13.86 -7.99
CA SER A 299 4.99 13.22 -7.33
C SER A 299 5.49 12.05 -6.49
N ARG A 300 4.67 11.64 -5.54
CA ARG A 300 5.00 10.52 -4.66
C ARG A 300 4.68 9.23 -5.38
N LYS A 301 5.68 8.38 -5.58
CA LYS A 301 5.48 7.21 -6.41
C LYS A 301 4.80 6.09 -5.63
N ARG A 302 4.06 5.25 -6.34
CA ARG A 302 3.53 4.04 -5.75
C ARG A 302 4.61 2.97 -5.69
N TRP A 303 4.66 2.25 -4.58
CA TRP A 303 5.71 1.25 -4.39
C TRP A 303 5.68 0.17 -5.46
N GLU A 304 4.51 -0.11 -6.03
CA GLU A 304 4.41 -1.10 -7.10
C GLU A 304 5.50 -0.96 -8.15
N ARG A 305 6.02 0.25 -8.35
CA ARG A 305 6.91 0.45 -9.49
C ARG A 305 8.26 -0.22 -9.28
N PHE A 306 8.62 -0.57 -8.05
CA PHE A 306 9.86 -1.26 -7.76
C PHE A 306 9.69 -2.77 -7.74
N VAL A 307 8.50 -3.26 -8.07
CA VAL A 307 8.20 -4.69 -8.00
C VAL A 307 8.38 -5.28 -9.39
N HIS A 308 9.27 -6.25 -9.52
CA HIS A 308 9.43 -6.96 -10.78
C HIS A 308 9.39 -8.45 -10.48
N SER A 309 9.52 -9.26 -11.53
CA SER A 309 9.37 -10.70 -11.39
C SER A 309 10.43 -11.33 -10.47
N GLU A 310 11.60 -10.69 -10.29
CA GLU A 310 12.70 -11.27 -9.51
C GLU A 310 12.68 -10.91 -8.04
N ASN A 311 11.83 -9.99 -7.58
CA ASN A 311 11.74 -9.69 -6.16
C ASN A 311 10.34 -9.88 -5.57
N GLN A 312 9.35 -10.23 -6.39
CA GLN A 312 7.97 -10.19 -5.92
C GLN A 312 7.68 -11.25 -4.85
N HIS A 313 8.56 -12.25 -4.71
CA HIS A 313 8.30 -13.27 -3.70
C HIS A 313 8.58 -12.76 -2.30
N LEU A 314 9.22 -11.60 -2.17
CA LEU A 314 9.50 -10.92 -0.92
C LEU A 314 8.63 -9.69 -0.72
N VAL A 315 7.78 -9.36 -1.69
CA VAL A 315 6.92 -8.19 -1.63
C VAL A 315 5.49 -8.65 -1.37
N SER A 316 4.81 -7.96 -0.48
CA SER A 316 3.43 -8.27 -0.11
C SER A 316 2.78 -6.98 0.42
N PRO A 317 1.44 -6.89 0.36
CA PRO A 317 0.73 -5.74 0.96
C PRO A 317 1.25 -5.39 2.36
N GLU A 318 1.38 -6.39 3.24
CA GLU A 318 1.87 -6.09 4.58
C GLU A 318 3.27 -5.50 4.53
N ALA A 319 4.15 -6.04 3.71
CA ALA A 319 5.51 -5.48 3.67
C ALA A 319 5.49 -4.03 3.21
N LEU A 320 4.69 -3.71 2.17
CA LEU A 320 4.64 -2.34 1.66
C LEU A 320 3.95 -1.38 2.63
N ASP A 321 2.84 -1.81 3.25
CA ASP A 321 2.24 -0.98 4.28
C ASP A 321 3.24 -0.70 5.39
N PHE A 322 3.99 -1.72 5.77
CA PHE A 322 5.06 -1.50 6.74
C PHE A 322 6.07 -0.47 6.24
N LEU A 323 6.62 -0.70 5.05
CA LEU A 323 7.67 0.19 4.53
C LEU A 323 7.20 1.63 4.48
N ASP A 324 5.97 1.85 4.01
CA ASP A 324 5.49 3.22 3.83
C ASP A 324 5.40 3.97 5.16
N LYS A 325 5.21 3.24 6.25
CA LYS A 325 5.12 3.88 7.55
C LYS A 325 6.47 4.09 8.20
N LEU A 326 7.56 3.54 7.64
CA LEU A 326 8.88 3.88 8.15
C LEU A 326 9.49 5.06 7.42
N LEU A 327 9.27 5.16 6.11
CA LEU A 327 9.95 6.15 5.27
C LEU A 327 9.09 7.40 5.13
N ARG A 328 9.09 8.23 6.17
CA ARG A 328 8.44 9.52 6.14
C ARG A 328 9.47 10.62 6.38
N TYR A 329 9.34 11.72 5.64
CA TYR A 329 10.21 12.87 5.89
C TYR A 329 10.09 13.32 7.34
N ASP A 330 8.85 13.47 7.81
CA ASP A 330 8.59 13.93 9.18
C ASP A 330 8.94 12.83 10.18
N HIS A 331 10.11 12.96 10.82
CA HIS A 331 10.61 11.95 11.74
C HIS A 331 9.64 11.68 12.89
N GLN A 332 8.86 12.69 13.27
CA GLN A 332 7.84 12.53 14.31
C GLN A 332 6.73 11.59 13.86
N SER A 333 6.54 11.37 12.57
CA SER A 333 5.43 10.55 12.13
C SER A 333 5.89 9.19 11.63
N ARG A 334 7.16 8.83 11.80
CA ARG A 334 7.57 7.46 11.49
C ARG A 334 7.14 6.54 12.62
N LEU A 335 6.96 5.26 12.30
CA LEU A 335 6.69 4.26 13.33
C LEU A 335 7.83 4.24 14.33
N THR A 336 7.50 4.14 15.62
CA THR A 336 8.49 3.77 16.62
C THR A 336 8.79 2.26 16.54
N ALA A 337 9.96 1.87 17.05
CA ALA A 337 10.34 0.46 17.06
C ALA A 337 9.22 -0.41 17.63
N ARG A 338 8.75 -0.09 18.84
CA ARG A 338 7.67 -0.86 19.44
C ARG A 338 6.46 -0.91 18.49
N GLU A 339 6.09 0.25 17.93
CA GLU A 339 4.98 0.30 16.97
C GLU A 339 5.27 -0.56 15.75
N ALA A 340 6.47 -0.43 15.18
CA ALA A 340 6.86 -1.33 14.10
C ALA A 340 6.62 -2.78 14.48
N MET A 341 7.01 -3.17 15.69
CA MET A 341 6.97 -4.56 16.11
C MET A 341 5.56 -5.13 16.10
N GLU A 342 4.55 -4.27 16.10
CA GLU A 342 3.16 -4.68 16.13
C GLU A 342 2.52 -4.78 14.77
N HIS A 343 3.21 -4.37 13.71
CA HIS A 343 2.61 -4.30 12.39
C HIS A 343 2.23 -5.69 11.88
N PRO A 344 1.17 -5.79 11.06
CA PRO A 344 0.78 -7.11 10.52
C PRO A 344 1.90 -7.90 9.86
N TYR A 345 2.83 -7.24 9.19
CA TYR A 345 3.95 -7.93 8.53
C TYR A 345 4.60 -8.97 9.44
N PHE A 346 4.49 -8.80 10.76
CA PHE A 346 5.21 -9.63 11.73
C PHE A 346 4.31 -10.61 12.47
N TYR A 347 3.02 -10.68 12.13
CA TYR A 347 2.13 -11.59 12.85
C TYR A 347 2.66 -13.01 12.85
N THR A 348 3.18 -13.47 11.71
CA THR A 348 3.61 -14.86 11.65
C THR A 348 4.86 -15.10 12.48
N VAL A 349 5.81 -14.16 12.46
CA VAL A 349 7.02 -14.33 13.27
C VAL A 349 6.67 -14.36 14.76
N VAL A 350 5.77 -13.46 15.18
CA VAL A 350 5.38 -13.40 16.58
C VAL A 350 4.67 -14.67 17.01
N LYS A 351 3.87 -15.26 16.12
CA LYS A 351 3.15 -16.47 16.48
C LYS A 351 4.09 -17.62 16.79
N ASP A 352 5.25 -17.68 16.13
CA ASP A 352 6.19 -18.76 16.39
C ASP A 352 6.84 -18.60 17.77
N GLN A 353 7.29 -17.41 18.08
CA GLN A 353 7.83 -17.17 19.41
C GLN A 353 6.71 -17.19 20.44
N SER B 24 -5.69 18.58 -31.89
CA SER B 24 -5.31 17.46 -32.73
C SER B 24 -6.06 16.18 -32.30
N GLY B 25 -7.03 16.34 -31.39
CA GLY B 25 -7.91 15.26 -31.00
C GLY B 25 -7.33 14.33 -29.96
N PRO B 26 -8.19 13.74 -29.12
CA PRO B 26 -7.71 12.84 -28.07
C PRO B 26 -6.83 11.74 -28.63
N VAL B 27 -6.02 11.11 -27.80
CA VAL B 27 -5.19 9.97 -28.20
C VAL B 27 -6.05 8.72 -28.06
N PRO B 28 -6.00 7.80 -29.01
CA PRO B 28 -6.90 6.63 -28.98
C PRO B 28 -6.50 5.60 -27.93
N SER B 29 -7.49 4.77 -27.57
CA SER B 29 -7.31 3.75 -26.56
C SER B 29 -8.06 2.47 -26.91
N ARG B 30 -7.48 1.33 -26.53
CA ARG B 30 -8.11 0.03 -26.70
CA ARG B 30 -8.05 0.00 -26.72
C ARG B 30 -8.09 -0.72 -25.38
N ALA B 31 -9.12 -1.54 -25.17
CA ALA B 31 -9.11 -2.45 -24.03
C ALA B 31 -7.84 -3.30 -24.07
N ARG B 32 -7.22 -3.51 -22.92
CA ARG B 32 -6.05 -4.35 -22.96
C ARG B 32 -6.38 -5.82 -22.71
N VAL B 33 -7.67 -6.13 -22.54
CA VAL B 33 -8.17 -7.50 -22.56
C VAL B 33 -9.53 -7.55 -23.25
N TYR B 34 -9.88 -8.75 -23.71
CA TYR B 34 -11.11 -8.98 -24.47
C TYR B 34 -11.28 -7.91 -25.55
N THR B 35 -10.16 -7.50 -26.16
CA THR B 35 -10.24 -6.36 -27.06
C THR B 35 -11.14 -6.64 -28.25
N ASP B 36 -11.05 -7.84 -28.81
CA ASP B 36 -11.64 -8.11 -30.11
C ASP B 36 -12.70 -9.21 -30.06
N VAL B 37 -13.05 -9.66 -28.86
CA VAL B 37 -14.05 -10.70 -28.62
C VAL B 37 -15.25 -10.57 -29.56
N ASN B 38 -15.87 -9.38 -29.58
CA ASN B 38 -17.10 -9.23 -30.35
C ASN B 38 -16.84 -9.27 -31.84
N THR B 39 -15.69 -8.75 -32.28
CA THR B 39 -15.44 -8.79 -33.72
C THR B 39 -15.41 -10.21 -34.25
N HIS B 40 -15.21 -11.21 -33.41
CA HIS B 40 -15.12 -12.60 -33.85
C HIS B 40 -16.43 -13.34 -33.70
N ARG B 41 -17.43 -12.73 -33.09
CA ARG B 41 -18.73 -13.37 -33.02
C ARG B 41 -19.51 -13.11 -34.30
N PRO B 42 -20.60 -13.87 -34.51
CA PRO B 42 -21.48 -13.55 -35.63
C PRO B 42 -22.19 -12.23 -35.35
N ARG B 43 -22.48 -11.47 -36.41
CA ARG B 43 -22.95 -10.11 -36.21
C ARG B 43 -24.20 -10.07 -35.34
N GLU B 44 -25.10 -11.05 -35.50
CA GLU B 44 -26.29 -11.09 -34.64
C GLU B 44 -25.93 -10.91 -33.18
N TYR B 45 -24.74 -11.35 -32.76
CA TYR B 45 -24.41 -11.29 -31.35
C TYR B 45 -24.53 -9.87 -30.83
N TRP B 46 -23.88 -8.92 -31.51
CA TRP B 46 -23.78 -7.53 -31.05
C TRP B 46 -24.65 -6.57 -31.84
N ASP B 47 -25.30 -7.05 -32.90
CA ASP B 47 -26.09 -6.23 -33.80
C ASP B 47 -27.56 -6.27 -33.38
N TYR B 48 -27.82 -5.76 -32.17
CA TYR B 48 -29.08 -6.04 -31.47
C TYR B 48 -30.29 -5.34 -32.08
N GLU B 49 -30.07 -4.18 -32.72
CA GLU B 49 -31.16 -3.51 -33.40
C GLU B 49 -31.95 -4.49 -34.24
N SER B 50 -31.31 -5.57 -34.71
CA SER B 50 -32.00 -6.54 -35.53
C SER B 50 -32.58 -7.70 -34.72
N HIS B 51 -32.51 -7.62 -33.40
CA HIS B 51 -33.00 -8.69 -32.56
C HIS B 51 -34.53 -8.69 -32.55
N VAL B 52 -35.13 -9.81 -32.98
CA VAL B 52 -36.59 -9.96 -32.94
C VAL B 52 -36.99 -10.62 -31.62
N VAL B 53 -37.65 -9.85 -30.74
CA VAL B 53 -38.11 -10.36 -29.45
C VAL B 53 -39.40 -11.15 -29.64
N GLU B 54 -39.45 -12.35 -29.04
CA GLU B 54 -40.62 -13.23 -29.09
C GLU B 54 -41.34 -13.10 -27.76
N TRP B 55 -42.49 -12.44 -27.77
CA TRP B 55 -43.18 -12.12 -26.53
C TRP B 55 -43.80 -13.37 -25.90
N GLY B 56 -43.84 -13.38 -24.57
CA GLY B 56 -44.54 -14.39 -23.82
C GLY B 56 -45.90 -13.91 -23.32
N ASN B 57 -46.52 -14.76 -22.53
CA ASN B 57 -47.92 -14.58 -22.13
C ASN B 57 -48.01 -13.63 -20.95
N GLN B 58 -48.11 -12.34 -21.26
CA GLN B 58 -48.24 -11.25 -20.28
C GLN B 58 -49.02 -11.65 -19.03
N ASP B 59 -50.02 -12.51 -19.19
CA ASP B 59 -50.94 -12.83 -18.11
C ASP B 59 -50.59 -14.13 -17.40
N ASP B 60 -49.44 -14.72 -17.68
CA ASP B 60 -48.97 -15.80 -16.82
C ASP B 60 -48.59 -15.30 -15.44
N TYR B 61 -48.40 -14.00 -15.27
CA TYR B 61 -47.85 -13.46 -14.04
C TYR B 61 -48.87 -12.53 -13.39
N GLN B 62 -48.84 -12.50 -12.06
CA GLN B 62 -49.69 -11.62 -11.26
C GLN B 62 -48.80 -10.85 -10.32
N LEU B 63 -48.99 -9.53 -10.28
CA LEU B 63 -48.19 -8.66 -9.43
C LEU B 63 -48.60 -8.82 -7.97
N VAL B 64 -47.60 -8.97 -7.11
CA VAL B 64 -47.87 -9.03 -5.68
C VAL B 64 -47.66 -7.65 -5.10
N ARG B 65 -46.43 -7.13 -5.21
CA ARG B 65 -46.09 -5.86 -4.60
C ARG B 65 -44.95 -5.22 -5.36
N LYS B 66 -44.80 -3.90 -5.16
CA LYS B 66 -43.79 -3.10 -5.85
C LYS B 66 -42.50 -3.11 -5.04
N LEU B 67 -41.38 -3.42 -5.70
CA LEU B 67 -40.10 -3.46 -5.00
C LEU B 67 -39.24 -2.20 -5.19
N GLY B 68 -39.62 -1.30 -6.09
CA GLY B 68 -38.83 -0.10 -6.31
C GLY B 68 -39.08 0.46 -7.69
N ARG B 69 -38.57 1.66 -7.92
CA ARG B 69 -38.72 2.30 -9.22
C ARG B 69 -37.49 3.16 -9.52
N GLY B 70 -37.20 3.29 -10.83
CA GLY B 70 -36.14 4.16 -11.30
C GLY B 70 -36.62 5.07 -12.43
N LYS B 71 -35.67 5.79 -13.03
CA LYS B 71 -35.98 6.60 -14.19
C LYS B 71 -36.52 5.74 -15.32
N TYR B 72 -35.91 4.58 -15.52
CA TYR B 72 -36.13 3.79 -16.73
C TYR B 72 -37.10 2.65 -16.55
N SER B 73 -37.44 2.29 -15.31
CA SER B 73 -38.20 1.06 -15.08
C SER B 73 -38.88 1.12 -13.72
N GLU B 74 -39.74 0.13 -13.50
CA GLU B 74 -40.44 -0.10 -12.26
C GLU B 74 -40.47 -1.61 -12.01
N VAL B 75 -40.19 -2.03 -10.77
CA VAL B 75 -39.90 -3.43 -10.50
C VAL B 75 -40.91 -3.96 -9.47
N PHE B 76 -41.45 -5.14 -9.73
CA PHE B 76 -42.45 -5.74 -8.85
C PHE B 76 -42.08 -7.19 -8.54
N GLU B 77 -42.45 -7.63 -7.34
CA GLU B 77 -42.55 -9.06 -7.05
C GLU B 77 -43.86 -9.57 -7.65
N ALA B 78 -43.81 -10.74 -8.28
CA ALA B 78 -44.99 -11.36 -8.88
C ALA B 78 -44.91 -12.86 -8.69
N ILE B 79 -45.99 -13.55 -9.05
CA ILE B 79 -45.99 -15.01 -9.06
C ILE B 79 -46.35 -15.49 -10.45
N ASN B 80 -45.59 -16.47 -10.93
CA ASN B 80 -45.97 -17.18 -12.14
C ASN B 80 -47.12 -18.10 -11.77
N ILE B 81 -48.34 -17.72 -12.12
CA ILE B 81 -49.49 -18.50 -11.67
C ILE B 81 -49.48 -19.90 -12.24
N THR B 82 -48.79 -20.13 -13.36
CA THR B 82 -48.72 -21.48 -13.92
C THR B 82 -48.00 -22.43 -12.97
N ASN B 83 -46.86 -22.02 -12.44
CA ASN B 83 -46.05 -22.90 -11.61
C ASN B 83 -45.88 -22.37 -10.18
N ASN B 84 -46.63 -21.34 -9.81
CA ASN B 84 -46.61 -20.79 -8.45
C ASN B 84 -45.22 -20.35 -7.99
N GLU B 85 -44.41 -19.79 -8.90
CA GLU B 85 -43.06 -19.35 -8.60
C GLU B 85 -43.01 -17.85 -8.35
N LYS B 86 -42.47 -17.48 -7.19
CA LYS B 86 -42.11 -16.08 -6.98
C LYS B 86 -41.20 -15.63 -8.13
N VAL B 87 -41.46 -14.41 -8.62
CA VAL B 87 -40.84 -13.90 -9.84
C VAL B 87 -40.69 -12.38 -9.67
N VAL B 88 -39.79 -11.78 -10.47
CA VAL B 88 -39.60 -10.34 -10.50
C VAL B 88 -39.93 -9.83 -11.90
N VAL B 89 -40.80 -8.84 -11.98
CA VAL B 89 -41.27 -8.28 -13.24
C VAL B 89 -40.80 -6.84 -13.32
N LYS B 90 -40.00 -6.52 -14.33
CA LYS B 90 -39.43 -5.19 -14.53
C LYS B 90 -40.15 -4.56 -15.72
N ILE B 91 -41.02 -3.60 -15.43
CA ILE B 91 -41.82 -2.95 -16.46
C ILE B 91 -41.02 -1.76 -16.95
N LEU B 92 -40.72 -1.73 -18.23
CA LEU B 92 -39.81 -0.74 -18.77
C LEU B 92 -40.54 0.56 -19.07
N LYS B 93 -39.90 1.66 -18.75
CA LYS B 93 -40.53 2.89 -19.16
C LYS B 93 -40.19 3.15 -20.63
N PRO B 94 -41.07 3.82 -21.35
CA PRO B 94 -40.78 4.10 -22.76
C PRO B 94 -39.39 4.69 -22.89
N VAL B 95 -38.55 3.99 -23.64
CA VAL B 95 -37.28 4.50 -24.10
C VAL B 95 -37.17 4.14 -25.58
N LYS B 96 -36.07 4.54 -26.20
CA LYS B 96 -35.88 4.11 -27.57
C LYS B 96 -36.00 2.60 -27.64
N LYS B 97 -36.80 2.10 -28.57
CA LYS B 97 -36.78 0.68 -28.86
C LYS B 97 -35.34 0.15 -28.90
N LYS B 98 -34.40 0.95 -29.37
CA LYS B 98 -32.98 0.63 -29.28
C LYS B 98 -32.59 0.16 -27.88
N LYS B 99 -32.69 1.04 -26.90
CA LYS B 99 -32.25 0.68 -25.55
C LYS B 99 -32.91 -0.59 -25.05
N ILE B 100 -34.17 -0.82 -25.41
CA ILE B 100 -34.86 -2.02 -24.95
C ILE B 100 -34.27 -3.27 -25.61
N LYS B 101 -34.14 -3.26 -26.94
CA LYS B 101 -33.54 -4.41 -27.60
C LYS B 101 -32.09 -4.65 -27.13
N ARG B 102 -31.37 -3.57 -26.78
CA ARG B 102 -30.02 -3.74 -26.25
C ARG B 102 -30.03 -4.52 -24.94
N GLU B 103 -30.87 -4.12 -23.97
CA GLU B 103 -30.87 -4.83 -22.69
C GLU B 103 -31.30 -6.26 -22.87
N ILE B 104 -32.31 -6.50 -23.71
CA ILE B 104 -32.79 -7.86 -23.93
C ILE B 104 -31.68 -8.72 -24.52
N LYS B 105 -30.98 -8.20 -25.55
CA LYS B 105 -29.93 -9.00 -26.17
C LYS B 105 -28.81 -9.28 -25.20
N ILE B 106 -28.43 -8.27 -24.41
CA ILE B 106 -27.31 -8.44 -23.48
C ILE B 106 -27.66 -9.45 -22.40
N LEU B 107 -28.91 -9.41 -21.92
CA LEU B 107 -29.36 -10.39 -20.94
C LEU B 107 -29.39 -11.77 -21.55
N GLU B 108 -29.75 -11.89 -22.82
CA GLU B 108 -29.77 -13.21 -23.45
C GLU B 108 -28.37 -13.74 -23.66
N ASN B 109 -27.43 -12.89 -24.09
CA ASN B 109 -26.07 -13.36 -24.27
C ASN B 109 -25.49 -13.85 -22.94
N LEU B 110 -25.76 -13.11 -21.85
CA LEU B 110 -25.13 -13.37 -20.57
C LEU B 110 -25.85 -14.42 -19.72
N ARG B 111 -27.10 -14.75 -20.04
CA ARG B 111 -27.88 -15.67 -19.22
C ARG B 111 -27.07 -16.92 -18.92
N GLY B 112 -27.13 -17.38 -17.67
CA GLY B 112 -26.35 -18.52 -17.26
C GLY B 112 -24.93 -18.24 -16.81
N GLY B 113 -24.41 -17.05 -17.02
CA GLY B 113 -23.11 -16.68 -16.50
C GLY B 113 -23.09 -16.57 -14.98
N PRO B 114 -21.91 -16.59 -14.38
CA PRO B 114 -21.86 -16.65 -12.90
C PRO B 114 -22.32 -15.33 -12.30
N ASN B 115 -23.26 -15.42 -11.38
CA ASN B 115 -23.75 -14.25 -10.65
C ASN B 115 -24.40 -13.19 -11.56
N ILE B 116 -24.87 -13.58 -12.74
CA ILE B 116 -25.64 -12.70 -13.62
C ILE B 116 -27.13 -12.98 -13.38
N ILE B 117 -27.89 -11.96 -12.97
CA ILE B 117 -29.34 -12.06 -12.90
C ILE B 117 -29.89 -12.78 -14.14
N THR B 118 -30.69 -13.83 -13.93
CA THR B 118 -31.18 -14.63 -15.04
C THR B 118 -32.49 -14.09 -15.60
N LEU B 119 -32.54 -13.81 -16.89
CA LEU B 119 -33.78 -13.41 -17.54
C LEU B 119 -34.62 -14.63 -17.87
N ALA B 120 -35.90 -14.59 -17.51
CA ALA B 120 -36.74 -15.77 -17.58
C ALA B 120 -37.82 -15.70 -18.64
N ASP B 121 -38.27 -14.51 -19.01
CA ASP B 121 -39.39 -14.38 -19.92
C ASP B 121 -39.47 -12.92 -20.32
N ILE B 122 -40.26 -12.64 -21.34
CA ILE B 122 -40.46 -11.28 -21.83
C ILE B 122 -41.88 -11.14 -22.35
N VAL B 123 -42.60 -10.16 -21.82
CA VAL B 123 -44.04 -10.05 -22.02
C VAL B 123 -44.39 -8.60 -22.29
N LYS B 124 -45.48 -8.38 -23.00
CA LYS B 124 -45.96 -7.04 -23.27
C LYS B 124 -46.97 -6.71 -22.19
N ASP B 125 -46.70 -5.65 -21.44
CA ASP B 125 -47.59 -5.30 -20.36
C ASP B 125 -48.99 -4.99 -20.91
N PRO B 126 -50.04 -5.26 -20.14
CA PRO B 126 -51.36 -4.85 -20.59
C PRO B 126 -51.51 -3.33 -20.58
N VAL B 127 -50.95 -2.68 -19.55
CA VAL B 127 -51.09 -1.24 -19.33
C VAL B 127 -50.05 -0.50 -20.15
N SER B 128 -48.82 -0.46 -19.64
CA SER B 128 -47.71 0.18 -20.36
C SER B 128 -47.63 -0.30 -21.80
N ARG B 129 -47.93 -1.57 -22.05
CA ARG B 129 -47.84 -2.20 -23.35
C ARG B 129 -46.41 -2.13 -23.86
N THR B 130 -45.49 -1.76 -22.98
CA THR B 130 -44.07 -1.89 -23.27
C THR B 130 -43.59 -3.22 -22.73
N PRO B 131 -42.37 -3.60 -23.08
CA PRO B 131 -41.83 -4.84 -22.52
C PRO B 131 -41.80 -4.81 -21.00
N ALA B 132 -42.19 -5.93 -20.42
CA ALA B 132 -41.91 -6.23 -19.05
C ALA B 132 -40.98 -7.43 -19.07
N LEU B 133 -39.86 -7.33 -18.37
CA LEU B 133 -38.90 -8.42 -18.27
C LEU B 133 -39.12 -9.18 -16.98
N VAL B 134 -39.08 -10.51 -17.05
CA VAL B 134 -39.28 -11.38 -15.89
C VAL B 134 -37.96 -12.05 -15.55
N PHE B 135 -37.66 -12.11 -14.25
CA PHE B 135 -36.34 -12.48 -13.75
C PHE B 135 -36.50 -13.51 -12.63
N GLU B 136 -35.45 -14.30 -12.40
CA GLU B 136 -35.38 -15.07 -11.18
C GLU B 136 -35.53 -14.13 -9.99
N HIS B 137 -36.18 -14.62 -8.94
CA HIS B 137 -36.31 -13.87 -7.71
C HIS B 137 -35.02 -13.93 -6.89
N VAL B 138 -34.74 -12.85 -6.17
CA VAL B 138 -33.63 -12.77 -5.24
C VAL B 138 -34.11 -12.00 -4.03
N ASN B 139 -34.22 -12.67 -2.88
CA ASN B 139 -34.73 -12.03 -1.68
C ASN B 139 -33.66 -11.09 -1.16
N ASN B 140 -33.95 -9.79 -1.14
CA ASN B 140 -32.93 -8.80 -0.88
C ASN B 140 -32.88 -8.53 0.61
N THR B 141 -31.84 -9.03 1.26
CA THR B 141 -31.48 -8.62 2.60
C THR B 141 -31.56 -7.11 2.72
N ASP B 142 -32.33 -6.62 3.70
CA ASP B 142 -32.43 -5.18 3.89
C ASP B 142 -31.03 -4.60 3.89
N PHE B 143 -30.70 -3.81 2.85
CA PHE B 143 -29.35 -3.24 2.76
C PHE B 143 -28.95 -2.54 4.05
N LYS B 144 -29.92 -1.93 4.73
CA LYS B 144 -29.64 -1.31 6.02
C LYS B 144 -28.98 -2.31 6.97
N GLN B 145 -29.61 -3.47 7.16
CA GLN B 145 -29.01 -4.44 8.07
C GLN B 145 -27.60 -4.80 7.63
N LEU B 146 -27.36 -4.74 6.33
CA LEU B 146 -26.21 -5.38 5.74
C LEU B 146 -24.93 -4.58 5.97
N TYR B 147 -24.96 -3.27 5.74
CA TYR B 147 -23.76 -2.43 5.83
C TYR B 147 -23.32 -2.15 7.27
N GLN B 148 -24.04 -2.62 8.28
CA GLN B 148 -23.48 -2.56 9.62
C GLN B 148 -23.19 -3.95 10.17
N THR B 149 -23.23 -4.97 9.33
CA THR B 149 -22.93 -6.33 9.74
C THR B 149 -22.07 -7.11 8.76
N LEU B 150 -21.66 -6.51 7.64
CA LEU B 150 -20.71 -7.16 6.76
C LEU B 150 -19.38 -7.28 7.48
N THR B 151 -18.99 -8.51 7.80
CA THR B 151 -17.65 -8.75 8.29
C THR B 151 -16.62 -8.41 7.22
N ASP B 152 -15.37 -8.26 7.66
CA ASP B 152 -14.29 -8.12 6.70
C ASP B 152 -14.31 -9.28 5.70
N TYR B 153 -14.65 -10.48 6.17
CA TYR B 153 -14.72 -11.64 5.29
C TYR B 153 -15.90 -11.56 4.34
N ASP B 154 -17.05 -11.07 4.81
CA ASP B 154 -18.21 -10.93 3.94
C ASP B 154 -17.91 -10.02 2.77
N ILE B 155 -17.20 -8.91 3.01
CA ILE B 155 -16.87 -7.99 1.92
C ILE B 155 -15.96 -8.66 0.90
N ARG B 156 -14.93 -9.35 1.36
CA ARG B 156 -14.08 -10.10 0.45
C ARG B 156 -14.89 -11.10 -0.36
N PHE B 157 -15.93 -11.67 0.24
CA PHE B 157 -16.68 -12.73 -0.40
C PHE B 157 -17.64 -12.18 -1.44
N TYR B 158 -18.35 -11.11 -1.10
CA TYR B 158 -19.26 -10.52 -2.08
C TYR B 158 -18.51 -9.76 -3.15
N MET B 159 -17.43 -9.09 -2.77
CA MET B 159 -16.57 -8.48 -3.78
C MET B 159 -16.14 -9.52 -4.80
N TYR B 160 -15.75 -10.70 -4.32
CA TYR B 160 -15.31 -11.77 -5.22
C TYR B 160 -16.46 -12.22 -6.12
N GLU B 161 -17.64 -12.42 -5.53
CA GLU B 161 -18.79 -12.82 -6.34
C GLU B 161 -19.09 -11.79 -7.42
N ILE B 162 -18.90 -10.50 -7.13
CA ILE B 162 -19.11 -9.50 -8.18
C ILE B 162 -18.10 -9.68 -9.30
N LEU B 163 -16.84 -9.88 -8.95
CA LEU B 163 -15.78 -10.02 -9.95
C LEU B 163 -15.99 -11.24 -10.83
N LYS B 164 -16.61 -12.31 -10.31
CA LYS B 164 -16.99 -13.38 -11.22
C LYS B 164 -17.86 -12.83 -12.34
N ALA B 165 -18.86 -12.00 -11.99
CA ALA B 165 -19.81 -11.51 -12.98
C ALA B 165 -19.17 -10.49 -13.92
N LEU B 166 -18.29 -9.64 -13.37
CA LEU B 166 -17.62 -8.65 -14.20
C LEU B 166 -16.59 -9.32 -15.11
N ASP B 167 -15.90 -10.36 -14.62
CA ASP B 167 -15.00 -11.01 -15.57
C ASP B 167 -15.78 -11.77 -16.65
N TYR B 168 -16.96 -12.31 -16.32
CA TYR B 168 -17.68 -13.06 -17.34
C TYR B 168 -18.24 -12.14 -18.42
N CYS B 169 -18.94 -11.06 -18.03
CA CYS B 169 -19.50 -10.17 -19.05
C CYS B 169 -18.41 -9.53 -19.90
N HIS B 170 -17.34 -9.05 -19.27
CA HIS B 170 -16.23 -8.45 -20.03
C HIS B 170 -15.71 -9.43 -21.06
N SER B 171 -15.56 -10.70 -20.67
CA SER B 171 -15.08 -11.70 -21.63
C SER B 171 -16.14 -11.97 -22.70
N MET B 172 -17.42 -11.88 -22.33
CA MET B 172 -18.54 -11.94 -23.26
C MET B 172 -18.66 -10.65 -24.09
N GLY B 173 -17.67 -9.76 -23.99
CA GLY B 173 -17.65 -8.56 -24.80
C GLY B 173 -18.63 -7.47 -24.39
N ILE B 174 -18.93 -7.35 -23.09
CA ILE B 174 -19.97 -6.47 -22.59
C ILE B 174 -19.46 -5.65 -21.41
N MET B 175 -19.83 -4.38 -21.40
CA MET B 175 -19.50 -3.41 -20.35
C MET B 175 -20.76 -3.23 -19.52
N HIS B 176 -20.65 -3.20 -18.20
CA HIS B 176 -21.88 -2.96 -17.43
C HIS B 176 -22.25 -1.48 -17.40
N ARG B 177 -21.32 -0.63 -16.98
CA ARG B 177 -21.43 0.83 -17.00
C ARG B 177 -22.36 1.38 -15.92
N ASP B 178 -22.95 0.55 -15.08
CA ASP B 178 -23.71 1.07 -13.96
C ASP B 178 -23.38 0.26 -12.71
N VAL B 179 -22.10 0.08 -12.45
CA VAL B 179 -21.70 -0.63 -11.25
C VAL B 179 -21.90 0.29 -10.04
N LYS B 180 -22.67 -0.18 -9.07
CA LYS B 180 -23.00 0.58 -7.87
C LYS B 180 -23.77 -0.33 -6.92
N PRO B 181 -23.74 -0.04 -5.61
CA PRO B 181 -24.37 -0.96 -4.64
C PRO B 181 -25.81 -1.35 -4.98
N HIS B 182 -26.60 -0.45 -5.56
CA HIS B 182 -28.01 -0.77 -5.82
C HIS B 182 -28.19 -1.63 -7.07
N ASN B 183 -27.10 -1.97 -7.75
CA ASN B 183 -27.17 -2.94 -8.84
C ASN B 183 -26.59 -4.30 -8.42
N VAL B 184 -26.58 -4.58 -7.13
CA VAL B 184 -26.15 -5.86 -6.59
C VAL B 184 -27.23 -6.34 -5.65
N MET B 185 -27.83 -7.49 -5.96
CA MET B 185 -28.83 -8.12 -5.11
C MET B 185 -28.12 -9.18 -4.29
N ILE B 186 -28.09 -9.01 -2.98
CA ILE B 186 -27.51 -10.02 -2.12
C ILE B 186 -28.63 -10.65 -1.32
N ASP B 187 -28.75 -11.97 -1.41
CA ASP B 187 -29.56 -12.78 -0.49
C ASP B 187 -28.57 -13.39 0.50
N HIS B 188 -28.44 -12.76 1.67
CA HIS B 188 -27.37 -13.12 2.59
C HIS B 188 -27.59 -14.50 3.19
N GLU B 189 -28.84 -14.87 3.48
CA GLU B 189 -29.12 -16.19 4.02
C GLU B 189 -28.44 -17.28 3.20
N HIS B 190 -28.62 -17.24 1.88
CA HIS B 190 -28.05 -18.27 1.02
C HIS B 190 -26.74 -17.82 0.37
N ARG B 191 -26.06 -16.85 0.99
CA ARG B 191 -24.83 -16.26 0.46
C ARG B 191 -24.89 -16.22 -1.07
N LYS B 192 -25.91 -15.53 -1.59
CA LYS B 192 -26.23 -15.54 -3.00
C LYS B 192 -26.26 -14.10 -3.50
N LEU B 193 -25.55 -13.84 -4.60
CA LEU B 193 -25.40 -12.49 -5.13
C LEU B 193 -25.67 -12.50 -6.63
N ARG B 194 -26.38 -11.47 -7.11
CA ARG B 194 -26.58 -11.29 -8.54
C ARG B 194 -26.26 -9.86 -8.93
N LEU B 195 -25.81 -9.70 -10.17
CA LEU B 195 -25.58 -8.39 -10.74
C LEU B 195 -26.74 -8.06 -11.66
N ILE B 196 -27.47 -6.99 -11.33
CA ILE B 196 -28.72 -6.69 -12.02
C ILE B 196 -28.63 -5.38 -12.80
N ASP B 197 -29.79 -4.91 -13.25
CA ASP B 197 -30.03 -3.76 -14.13
C ASP B 197 -28.99 -3.59 -15.22
N TRP B 198 -29.16 -4.28 -16.36
CA TRP B 198 -28.24 -4.13 -17.48
C TRP B 198 -28.73 -3.10 -18.51
N GLY B 199 -29.59 -2.17 -18.07
CA GLY B 199 -30.11 -1.13 -18.95
C GLY B 199 -29.07 -0.20 -19.56
N LEU B 200 -27.92 0.02 -18.90
CA LEU B 200 -26.89 0.91 -19.41
C LEU B 200 -25.73 0.17 -20.07
N ALA B 201 -25.78 -1.15 -20.15
CA ALA B 201 -24.65 -1.91 -20.63
C ALA B 201 -24.54 -1.86 -22.15
N GLU B 202 -23.30 -1.98 -22.65
CA GLU B 202 -22.98 -1.85 -24.05
C GLU B 202 -22.02 -2.95 -24.45
N PHE B 203 -22.01 -3.23 -25.75
CA PHE B 203 -20.99 -4.07 -26.35
C PHE B 203 -19.72 -3.27 -26.60
N TYR B 204 -18.58 -3.77 -26.11
CA TYR B 204 -17.30 -3.11 -26.39
C TYR B 204 -16.84 -3.43 -27.79
N HIS B 205 -16.33 -2.40 -28.49
CA HIS B 205 -15.80 -2.47 -29.85
C HIS B 205 -14.58 -1.55 -29.91
N PRO B 206 -13.41 -2.05 -30.33
CA PRO B 206 -12.22 -1.19 -30.30
C PRO B 206 -12.41 0.02 -31.21
N GLY B 207 -11.94 1.16 -30.73
CA GLY B 207 -12.01 2.41 -31.44
C GLY B 207 -13.34 3.14 -31.36
N GLN B 208 -14.31 2.61 -30.64
CA GLN B 208 -15.61 3.25 -30.58
C GLN B 208 -15.65 4.28 -29.46
N GLU B 209 -16.31 5.39 -29.72
CA GLU B 209 -16.51 6.46 -28.74
C GLU B 209 -17.90 6.35 -28.15
N TYR B 210 -17.98 6.24 -26.82
CA TYR B 210 -19.22 5.98 -26.11
C TYR B 210 -19.73 7.24 -25.42
N ASN B 211 -20.99 7.20 -25.02
CA ASN B 211 -21.57 8.28 -24.24
C ASN B 211 -20.98 8.29 -22.85
N VAL B 212 -20.60 9.48 -22.36
CA VAL B 212 -20.05 9.58 -21.01
C VAL B 212 -21.14 9.81 -19.96
N ARG B 213 -22.39 9.97 -20.38
CA ARG B 213 -23.50 10.09 -19.42
C ARG B 213 -24.02 8.69 -19.11
N VAL B 214 -23.20 7.95 -18.39
CA VAL B 214 -23.55 6.64 -17.89
C VAL B 214 -23.12 6.57 -16.43
N ALA B 215 -23.61 5.53 -15.74
CA ALA B 215 -23.29 5.30 -14.34
C ALA B 215 -23.89 6.39 -13.46
N SER B 216 -24.11 6.08 -12.19
CA SER B 216 -24.49 7.10 -11.22
C SER B 216 -23.27 7.95 -10.89
N ARG B 217 -23.52 9.17 -10.42
CA ARG B 217 -22.48 10.18 -10.33
C ARG B 217 -21.30 9.71 -9.49
N TYR B 218 -21.56 9.14 -8.32
CA TYR B 218 -20.48 8.82 -7.38
C TYR B 218 -19.58 7.71 -7.89
N PHE B 219 -20.02 6.96 -8.90
CA PHE B 219 -19.28 5.82 -9.44
C PHE B 219 -18.71 6.08 -10.82
N LYS B 220 -18.90 7.27 -11.36
CA LYS B 220 -18.36 7.61 -12.65
C LYS B 220 -16.83 7.61 -12.60
N GLY B 221 -16.22 6.95 -13.59
CA GLY B 221 -14.80 7.02 -13.79
C GLY B 221 -14.34 8.40 -14.25
N PRO B 222 -13.09 8.73 -13.93
CA PRO B 222 -12.55 10.03 -14.37
C PRO B 222 -12.63 10.21 -15.88
N GLU B 223 -12.47 9.13 -16.65
CA GLU B 223 -12.66 9.20 -18.08
C GLU B 223 -14.02 9.79 -18.44
N LEU B 224 -15.06 9.42 -17.69
CA LEU B 224 -16.38 10.00 -17.95
C LEU B 224 -16.39 11.47 -17.58
N LEU B 225 -15.83 11.84 -16.43
CA LEU B 225 -15.96 13.21 -15.95
C LEU B 225 -15.19 14.20 -16.81
N VAL B 226 -13.97 13.84 -17.27
CA VAL B 226 -13.24 14.69 -18.20
C VAL B 226 -13.67 14.47 -19.64
N ASP B 227 -14.62 13.58 -19.86
CA ASP B 227 -15.22 13.36 -21.16
C ASP B 227 -14.21 12.81 -22.17
N TYR B 228 -13.57 11.70 -21.80
CA TYR B 228 -12.84 10.86 -22.75
C TYR B 228 -13.76 9.73 -23.16
N GLN B 229 -14.07 9.63 -24.45
CA GLN B 229 -15.16 8.79 -24.90
C GLN B 229 -14.74 7.39 -25.33
N MET B 230 -13.46 7.13 -25.51
CA MET B 230 -13.00 5.85 -26.05
C MET B 230 -12.59 4.89 -24.92
N TYR B 231 -13.52 4.69 -23.96
CA TYR B 231 -13.27 3.92 -22.74
C TYR B 231 -13.67 2.46 -22.94
N ASP B 232 -13.56 1.64 -21.89
CA ASP B 232 -13.81 0.22 -22.11
C ASP B 232 -14.23 -0.46 -20.80
N TYR B 233 -13.97 -1.76 -20.70
CA TYR B 233 -14.37 -2.47 -19.50
C TYR B 233 -13.77 -1.88 -18.24
N SER B 234 -12.60 -1.24 -18.35
CA SER B 234 -11.97 -0.75 -17.13
C SER B 234 -12.84 0.25 -16.39
N LEU B 235 -13.81 0.87 -17.09
CA LEU B 235 -14.76 1.74 -16.40
C LEU B 235 -15.47 0.99 -15.28
N ASP B 236 -15.82 -0.28 -15.50
CA ASP B 236 -16.50 -1.02 -14.45
C ASP B 236 -15.59 -1.17 -13.24
N MET B 237 -14.29 -1.35 -13.47
CA MET B 237 -13.32 -1.50 -12.38
C MET B 237 -13.27 -0.26 -11.52
N TRP B 238 -13.37 0.94 -12.12
CA TRP B 238 -13.33 2.16 -11.29
C TRP B 238 -14.48 2.17 -10.30
N SER B 239 -15.72 1.97 -10.79
CA SER B 239 -16.88 1.96 -9.92
C SER B 239 -16.73 0.94 -8.80
N LEU B 240 -16.15 -0.21 -9.13
CA LEU B 240 -15.95 -1.27 -8.14
C LEU B 240 -15.07 -0.79 -6.98
N GLY B 241 -14.00 -0.04 -7.28
CA GLY B 241 -13.21 0.55 -6.23
C GLY B 241 -14.03 1.52 -5.37
N CYS B 242 -14.84 2.36 -6.00
CA CYS B 242 -15.70 3.26 -5.26
C CYS B 242 -16.57 2.48 -4.27
N MET B 243 -17.17 1.39 -4.75
CA MET B 243 -17.94 0.52 -3.88
C MET B 243 -17.10 -0.01 -2.73
N LEU B 244 -15.91 -0.53 -3.04
CA LEU B 244 -15.01 -1.06 -2.01
C LEU B 244 -14.64 0.01 -1.01
N ALA B 245 -14.17 1.16 -1.49
CA ALA B 245 -13.85 2.27 -0.61
C ALA B 245 -14.98 2.53 0.38
N SER B 246 -16.20 2.76 -0.12
CA SER B 246 -17.30 3.11 0.78
C SER B 246 -17.56 2.02 1.81
N MET B 247 -17.41 0.76 1.41
CA MET B 247 -17.57 -0.38 2.33
C MET B 247 -16.49 -0.39 3.40
N ILE B 248 -15.22 -0.58 3.01
CA ILE B 248 -14.19 -0.80 4.01
C ILE B 248 -13.97 0.43 4.90
N PHE B 249 -14.28 1.62 4.40
CA PHE B 249 -14.11 2.85 5.16
C PHE B 249 -15.39 3.33 5.82
N ARG B 250 -16.54 2.79 5.43
CA ARG B 250 -17.82 3.22 5.97
C ARG B 250 -18.04 4.72 5.73
N LYS B 251 -17.90 5.12 4.47
CA LYS B 251 -18.25 6.46 3.99
C LYS B 251 -18.94 6.23 2.65
N GLU B 252 -20.27 6.11 2.67
CA GLU B 252 -21.04 5.83 1.45
C GLU B 252 -21.89 7.04 1.11
N PRO B 253 -21.69 7.68 -0.06
CA PRO B 253 -20.69 7.34 -1.08
C PRO B 253 -19.32 7.82 -0.65
N PHE B 254 -18.23 7.25 -1.16
CA PHE B 254 -16.90 7.65 -0.70
C PHE B 254 -16.47 8.98 -1.29
N PHE B 255 -16.73 9.20 -2.59
CA PHE B 255 -16.64 10.51 -3.23
C PHE B 255 -18.05 11.11 -3.36
N HIS B 256 -18.37 12.11 -2.55
CA HIS B 256 -19.68 12.75 -2.56
C HIS B 256 -19.59 14.03 -3.39
N GLY B 257 -19.89 13.93 -4.68
CA GLY B 257 -19.90 15.10 -5.55
C GLY B 257 -21.29 15.70 -5.65
N HIS B 258 -21.35 17.03 -5.69
CA HIS B 258 -22.61 17.72 -5.94
C HIS B 258 -23.01 17.64 -7.41
N ASP B 259 -22.06 17.81 -8.33
CA ASP B 259 -22.30 17.75 -9.76
C ASP B 259 -21.19 16.94 -10.41
N ASN B 260 -21.24 16.83 -11.74
CA ASN B 260 -20.23 16.05 -12.45
C ASN B 260 -18.86 16.70 -12.36
N TYR B 261 -18.79 18.02 -12.22
CA TYR B 261 -17.48 18.66 -12.03
C TYR B 261 -16.99 18.51 -10.60
N ASP B 262 -17.83 18.81 -9.62
CA ASP B 262 -17.43 18.66 -8.24
C ASP B 262 -16.98 17.23 -7.94
N GLN B 263 -17.51 16.26 -8.68
CA GLN B 263 -17.07 14.88 -8.48
C GLN B 263 -15.59 14.73 -8.79
N LEU B 264 -15.11 15.39 -9.85
CA LEU B 264 -13.69 15.26 -10.13
C LEU B 264 -12.85 15.98 -9.09
N VAL B 265 -13.36 17.07 -8.52
CA VAL B 265 -12.67 17.74 -7.43
C VAL B 265 -12.60 16.83 -6.21
N ARG B 266 -13.73 16.22 -5.85
CA ARG B 266 -13.72 15.26 -4.75
C ARG B 266 -12.66 14.19 -4.95
N ILE B 267 -12.51 13.70 -6.18
CA ILE B 267 -11.55 12.62 -6.43
C ILE B 267 -10.13 13.13 -6.27
N ALA B 268 -9.84 14.31 -6.84
CA ALA B 268 -8.47 14.81 -6.81
C ALA B 268 -8.02 15.12 -5.39
N LYS B 269 -8.93 15.59 -4.55
CA LYS B 269 -8.51 15.83 -3.18
C LYS B 269 -8.12 14.55 -2.47
N VAL B 270 -8.17 13.42 -3.16
CA VAL B 270 -7.72 12.15 -2.59
C VAL B 270 -6.59 11.58 -3.44
N LEU B 271 -6.85 11.40 -4.74
CA LEU B 271 -5.81 10.85 -5.62
C LEU B 271 -4.73 11.85 -5.96
N GLY B 272 -4.91 13.11 -5.58
CA GLY B 272 -3.99 14.16 -5.99
C GLY B 272 -4.24 14.60 -7.42
N THR B 273 -3.65 15.75 -7.75
CA THR B 273 -3.76 16.32 -9.09
C THR B 273 -2.57 16.00 -9.99
N GLU B 274 -1.43 15.63 -9.41
CA GLU B 274 -0.29 15.25 -10.23
C GLU B 274 -0.67 14.14 -11.21
N ASP B 275 -1.21 13.05 -10.68
CA ASP B 275 -1.62 11.93 -11.55
C ASP B 275 -2.66 12.35 -12.57
N LEU B 276 -3.56 13.24 -12.18
CA LEU B 276 -4.68 13.61 -13.05
C LEU B 276 -4.21 14.43 -14.24
N TYR B 277 -3.44 15.48 -14.00
CA TYR B 277 -2.91 16.24 -15.12
C TYR B 277 -1.97 15.39 -15.96
N ASP B 278 -1.31 14.41 -15.36
CA ASP B 278 -0.54 13.47 -16.16
C ASP B 278 -1.45 12.66 -17.08
N TYR B 279 -2.53 12.12 -16.52
CA TYR B 279 -3.57 11.48 -17.32
C TYR B 279 -4.04 12.38 -18.44
N ILE B 280 -4.48 13.60 -18.11
CA ILE B 280 -4.89 14.55 -19.14
C ILE B 280 -3.83 14.64 -20.23
N ASP B 281 -2.57 14.84 -19.83
CA ASP B 281 -1.48 15.02 -20.79
C ASP B 281 -1.35 13.80 -21.70
N LYS B 282 -1.35 12.60 -21.09
CA LYS B 282 -1.03 11.38 -21.83
C LYS B 282 -1.97 11.15 -23.00
N TYR B 283 -3.25 11.47 -22.83
CA TYR B 283 -4.28 11.21 -23.83
C TYR B 283 -4.71 12.45 -24.59
N ASN B 284 -3.98 13.54 -24.49
CA ASN B 284 -4.37 14.78 -25.15
C ASN B 284 -5.84 15.11 -24.90
N ILE B 285 -6.25 15.06 -23.65
CA ILE B 285 -7.63 15.37 -23.29
C ILE B 285 -7.74 16.88 -23.12
N GLU B 286 -8.52 17.51 -23.98
CA GLU B 286 -8.88 18.92 -23.81
C GLU B 286 -9.85 19.04 -22.64
N LEU B 287 -9.46 19.81 -21.65
CA LEU B 287 -10.20 19.85 -20.40
C LEU B 287 -11.15 21.04 -20.38
N ASP B 288 -12.29 20.85 -19.73
CA ASP B 288 -13.31 21.88 -19.66
C ASP B 288 -12.76 23.13 -18.97
N PRO B 289 -13.12 24.33 -19.43
CA PRO B 289 -12.62 25.55 -18.77
C PRO B 289 -12.95 25.60 -17.29
N ARG B 290 -14.14 25.09 -16.92
CA ARG B 290 -14.56 24.99 -15.53
C ARG B 290 -13.43 24.51 -14.63
N PHE B 291 -12.87 23.35 -14.96
CA PHE B 291 -11.93 22.68 -14.05
C PHE B 291 -10.72 23.55 -13.75
N ASN B 292 -10.24 24.29 -14.74
CA ASN B 292 -9.11 25.19 -14.55
C ASN B 292 -9.15 25.76 -13.15
N ASP B 293 -10.16 26.57 -12.85
CA ASP B 293 -10.32 27.08 -11.50
C ASP B 293 -10.42 25.95 -10.48
N ILE B 294 -11.53 25.22 -10.49
CA ILE B 294 -11.95 24.45 -9.31
C ILE B 294 -11.04 23.27 -8.99
N LEU B 295 -10.03 23.01 -9.84
CA LEU B 295 -9.27 21.78 -9.67
C LEU B 295 -8.09 21.92 -8.72
N GLY B 296 -7.31 22.99 -8.86
CA GLY B 296 -6.28 23.30 -7.86
C GLY B 296 -5.06 22.40 -7.91
N ARG B 297 -4.35 22.36 -6.78
CA ARG B 297 -3.24 21.45 -6.53
C ARG B 297 -3.52 20.66 -5.26
N HIS B 298 -3.45 19.34 -5.35
CA HIS B 298 -3.80 18.46 -4.24
C HIS B 298 -2.85 17.27 -4.21
N SER B 299 -2.23 17.05 -3.06
CA SER B 299 -1.37 15.90 -2.87
C SER B 299 -2.18 14.62 -2.96
N ARG B 300 -1.51 13.53 -3.32
CA ARG B 300 -2.11 12.21 -3.25
C ARG B 300 -2.10 11.77 -1.80
N LYS B 301 -3.27 11.51 -1.24
CA LYS B 301 -3.37 11.16 0.17
C LYS B 301 -3.03 9.69 0.41
N ARG B 302 -2.47 9.42 1.58
CA ARG B 302 -2.29 8.06 2.04
C ARG B 302 -3.58 7.52 2.64
N TRP B 303 -4.00 6.34 2.19
CA TRP B 303 -5.27 5.77 2.61
C TRP B 303 -5.48 5.79 4.12
N GLU B 304 -4.41 5.82 4.91
CA GLU B 304 -4.56 5.81 6.36
C GLU B 304 -5.30 7.02 6.89
N ARG B 305 -5.33 8.10 6.11
CA ARG B 305 -6.16 9.26 6.45
C ARG B 305 -7.62 8.85 6.73
N PHE B 306 -8.10 7.80 6.07
CA PHE B 306 -9.51 7.47 6.10
C PHE B 306 -9.84 6.34 7.07
N VAL B 307 -8.88 5.86 7.82
CA VAL B 307 -9.06 4.81 8.82
C VAL B 307 -9.35 5.47 10.16
N HIS B 308 -10.19 4.81 10.97
CA HIS B 308 -10.49 5.27 12.32
C HIS B 308 -11.13 4.11 13.09
N SER B 309 -11.60 4.41 14.31
CA SER B 309 -12.05 3.33 15.20
C SER B 309 -13.26 2.58 14.65
N GLU B 310 -14.19 3.29 14.01
CA GLU B 310 -15.43 2.68 13.57
C GLU B 310 -15.29 1.83 12.29
N ASN B 311 -14.16 1.90 11.58
CA ASN B 311 -13.98 1.07 10.38
C ASN B 311 -12.68 0.28 10.34
N GLN B 312 -11.81 0.41 11.35
CA GLN B 312 -10.55 -0.31 11.32
C GLN B 312 -10.76 -1.80 11.06
N HIS B 313 -11.80 -2.37 11.65
CA HIS B 313 -11.98 -3.82 11.55
C HIS B 313 -12.17 -4.29 10.11
N LEU B 314 -12.34 -3.37 9.15
CA LEU B 314 -12.55 -3.72 7.75
C LEU B 314 -11.37 -3.35 6.86
N VAL B 315 -10.37 -2.66 7.39
CA VAL B 315 -9.23 -2.21 6.58
C VAL B 315 -8.03 -3.07 6.91
N SER B 316 -7.28 -3.45 5.88
CA SER B 316 -6.07 -4.22 6.08
C SER B 316 -5.09 -3.85 4.98
N PRO B 317 -3.79 -4.14 5.18
CA PRO B 317 -2.82 -3.94 4.09
C PRO B 317 -3.26 -4.55 2.78
N GLU B 318 -3.81 -5.78 2.80
CA GLU B 318 -4.36 -6.32 1.57
C GLU B 318 -5.48 -5.44 1.05
N ALA B 319 -6.37 -4.97 1.92
CA ALA B 319 -7.53 -4.23 1.43
C ALA B 319 -7.11 -2.93 0.75
N LEU B 320 -6.15 -2.21 1.34
CA LEU B 320 -5.69 -0.99 0.70
C LEU B 320 -4.88 -1.27 -0.56
N ASP B 321 -4.04 -2.32 -0.57
CA ASP B 321 -3.27 -2.60 -1.78
C ASP B 321 -4.20 -2.89 -2.95
N PHE B 322 -5.32 -3.55 -2.69
CA PHE B 322 -6.28 -3.85 -3.74
C PHE B 322 -7.09 -2.61 -4.14
N LEU B 323 -7.60 -1.85 -3.17
CA LEU B 323 -8.27 -0.60 -3.53
C LEU B 323 -7.40 0.27 -4.42
N ASP B 324 -6.16 0.53 -3.97
CA ASP B 324 -5.26 1.39 -4.72
C ASP B 324 -5.11 0.95 -6.17
N LYS B 325 -5.15 -0.36 -6.42
CA LYS B 325 -4.98 -0.83 -7.79
C LYS B 325 -6.27 -0.76 -8.59
N LEU B 326 -7.39 -0.36 -8.00
CA LEU B 326 -8.55 -0.04 -8.83
C LEU B 326 -8.69 1.46 -9.10
N LEU B 327 -8.34 2.32 -8.14
CA LEU B 327 -8.61 3.76 -8.26
C LEU B 327 -7.43 4.48 -8.90
N ARG B 328 -7.27 4.27 -10.19
CA ARG B 328 -6.33 5.01 -11.02
C ARG B 328 -7.07 5.89 -12.02
N TYR B 329 -6.56 7.09 -12.26
CA TYR B 329 -7.07 7.89 -13.37
C TYR B 329 -6.86 7.15 -14.69
N ASP B 330 -5.64 6.70 -14.95
CA ASP B 330 -5.37 6.01 -16.20
C ASP B 330 -6.12 4.69 -16.22
N HIS B 331 -7.24 4.65 -16.96
CA HIS B 331 -8.04 3.44 -17.06
C HIS B 331 -7.22 2.24 -17.55
N GLN B 332 -6.23 2.49 -18.42
CA GLN B 332 -5.39 1.39 -18.86
C GLN B 332 -4.67 0.72 -17.68
N SER B 333 -4.39 1.44 -16.60
CA SER B 333 -3.56 0.83 -15.57
C SER B 333 -4.37 0.25 -14.42
N ARG B 334 -5.68 0.11 -14.57
CA ARG B 334 -6.49 -0.50 -13.51
C ARG B 334 -6.40 -2.03 -13.60
N LEU B 335 -6.53 -2.69 -12.46
CA LEU B 335 -6.63 -4.14 -12.48
C LEU B 335 -7.77 -4.53 -13.42
N THR B 336 -7.57 -5.62 -14.16
CA THR B 336 -8.71 -6.25 -14.80
C THR B 336 -9.48 -7.04 -13.76
N ALA B 337 -10.72 -7.40 -14.08
CA ALA B 337 -11.42 -8.35 -13.22
C ALA B 337 -10.54 -9.56 -12.90
N ARG B 338 -9.99 -10.24 -13.92
CA ARG B 338 -9.24 -11.45 -13.66
CA ARG B 338 -9.25 -11.46 -13.65
C ARG B 338 -7.99 -11.17 -12.82
N GLU B 339 -7.35 -10.03 -13.03
CA GLU B 339 -6.22 -9.64 -12.18
C GLU B 339 -6.72 -9.40 -10.76
N ALA B 340 -7.81 -8.64 -10.63
CA ALA B 340 -8.38 -8.38 -9.32
C ALA B 340 -8.67 -9.68 -8.60
N MET B 341 -9.30 -10.62 -9.29
CA MET B 341 -9.65 -11.90 -8.69
C MET B 341 -8.43 -12.64 -8.17
N GLU B 342 -7.24 -12.26 -8.62
CA GLU B 342 -6.02 -12.96 -8.27
C GLU B 342 -5.26 -12.26 -7.15
N HIS B 343 -5.81 -11.18 -6.61
CA HIS B 343 -5.13 -10.42 -5.57
C HIS B 343 -5.11 -11.16 -4.23
N PRO B 344 -4.07 -10.93 -3.42
CA PRO B 344 -4.00 -11.61 -2.10
C PRO B 344 -5.22 -11.39 -1.20
N TYR B 345 -5.92 -10.26 -1.38
CA TYR B 345 -7.07 -9.95 -0.54
C TYR B 345 -8.11 -11.07 -0.57
N PHE B 346 -8.21 -11.81 -1.68
CA PHE B 346 -9.20 -12.88 -1.84
C PHE B 346 -8.63 -14.27 -1.55
N TYR B 347 -7.38 -14.35 -1.08
CA TYR B 347 -6.74 -15.66 -0.88
C TYR B 347 -7.56 -16.57 0.02
N THR B 348 -8.23 -16.03 1.03
CA THR B 348 -9.05 -16.90 1.87
C THR B 348 -10.36 -17.27 1.18
N VAL B 349 -11.09 -16.29 0.63
CA VAL B 349 -12.35 -16.68 -0.01
C VAL B 349 -12.08 -17.66 -1.14
N VAL B 350 -10.90 -17.58 -1.74
CA VAL B 350 -10.49 -18.59 -2.72
C VAL B 350 -10.23 -19.92 -2.03
N LYS B 351 -9.43 -19.92 -0.97
CA LYS B 351 -9.21 -21.13 -0.17
C LYS B 351 -10.51 -21.87 0.08
N ASP B 352 -11.45 -21.21 0.75
CA ASP B 352 -12.69 -21.87 1.17
C ASP B 352 -13.42 -22.46 -0.03
N GLN B 353 -13.60 -21.67 -1.10
CA GLN B 353 -14.37 -22.10 -2.25
C GLN B 353 -13.77 -23.37 -2.87
N ALA B 354 -12.63 -23.83 -2.36
CA ALA B 354 -12.11 -25.15 -2.70
C ALA B 354 -13.00 -26.23 -2.11
S SO4 C . 42.97 6.81 29.15
O1 SO4 C . 43.60 6.64 27.84
O2 SO4 C . 41.98 5.76 29.34
O3 SO4 C . 42.31 8.12 29.22
O4 SO4 C . 43.97 6.73 30.21
S SO4 D . 29.13 12.47 6.06
O1 SO4 D . 30.47 12.40 6.64
O2 SO4 D . 29.15 11.94 4.70
O3 SO4 D . 28.68 13.86 6.01
O4 SO4 D . 28.25 11.65 6.91
S SO4 E . 47.49 6.36 27.57
O1 SO4 E . 48.92 6.55 27.38
O2 SO4 E . 46.78 6.58 26.30
O3 SO4 E . 47.25 4.99 28.04
O4 SO4 E . 46.98 7.30 28.57
S SO4 F . 29.84 13.05 16.83
O1 SO4 F . 29.96 13.42 15.42
O2 SO4 F . 30.62 11.84 17.08
O3 SO4 F . 30.27 14.17 17.66
O4 SO4 F . 28.43 12.80 17.13
S SO4 G . 2.78 5.87 -9.99
O1 SO4 G . 1.51 5.46 -10.58
O2 SO4 G . 3.45 6.76 -10.95
O3 SO4 G . 2.54 6.55 -8.72
O4 SO4 G . 3.65 4.72 -9.72
S SO4 H . 9.35 12.71 -11.62
O1 SO4 H . 9.87 13.76 -12.50
O2 SO4 H . 10.30 11.59 -11.61
O3 SO4 H . 9.23 13.27 -10.27
O4 SO4 H . 8.00 12.32 -12.06
C24 TL0 I . 22.16 -10.22 6.45
F TL0 I . 31.55 -10.73 15.87
C3 TL0 I . 30.13 -7.30 8.69
O TL0 I . 24.80 -10.53 8.47
C1 TL0 I . 27.76 -9.01 6.24
C2 TL0 I . 28.85 -7.52 7.88
C TL0 I . 26.61 -8.03 6.39
C4 TL0 I . 30.09 -8.34 6.01
O1 TL0 I . 33.55 -3.85 12.48
N TL0 I . 25.64 -8.50 7.41
C9 TL0 I . 32.79 -6.90 12.20
C8 TL0 I . 32.74 -6.18 11.04
C7 TL0 I . 32.75 -6.89 8.61
C6 TL0 I . 31.35 -7.08 7.80
C5 TL0 I . 31.42 -8.19 6.76
C10 TL0 I . 32.69 -6.51 13.56
C14 TL0 I . 34.69 -2.64 10.76
C13 TL0 I . 33.75 -2.53 11.93
N1 TL0 I . 29.00 -8.65 6.94
C12 TL0 I . 33.00 -3.90 13.69
C11 TL0 I . 32.77 -5.26 14.17
C15 TL0 I . 34.62 -1.40 9.91
C23 TL0 I . 23.08 -9.32 6.96
C22 TL0 I . 32.36 -7.46 14.61
C18 TL0 I . 31.89 -7.33 17.00
C17 TL0 I . 32.24 -6.72 15.80
C16 TL0 I . 34.32 -3.84 9.94
C19 TL0 I . 31.66 -8.69 17.02
O2 TL0 I . 32.69 -2.91 14.31
N2 TL0 I . 32.78 -7.10 10.05
C21 TL0 I . 32.14 -8.84 14.65
C20 TL0 I . 31.80 -9.40 15.85
C25 TL0 I . 20.86 -9.80 6.19
C26 TL0 I . 20.47 -8.50 6.43
C27 TL0 I . 19.10 -8.03 6.05
C28 TL0 I . 18.17 -7.66 7.20
C29 TL0 I . 16.78 -8.23 6.99
C30 TL0 I . 18.74 -8.14 8.52
C31 TL0 I . 21.40 -7.61 6.97
C32 TL0 I . 22.70 -8.01 7.24
N3 TL0 I . 32.87 -8.33 10.57
N4 TL0 I . 32.88 -8.22 11.88
N5 TL0 I . 32.49 -5.39 15.51
O3 TL0 I . 25.20 -10.49 6.04
S TL0 I . 24.74 -9.83 7.24
C1 GOL J . 29.22 13.62 27.79
O1 GOL J . 29.78 13.68 29.08
C2 GOL J . 28.36 14.89 27.64
O2 GOL J . 27.46 14.80 26.57
C3 GOL J . 29.39 16.05 27.39
O3 GOL J . 29.70 16.04 26.01
H11 GOL J . 29.89 13.60 27.08
H12 GOL J . 28.66 12.84 27.65
HO1 GOL J . 29.94 12.88 29.32
H2 GOL J . 27.83 15.03 28.44
HO2 GOL J . 26.90 15.43 26.63
H31 GOL J . 29.00 16.89 27.70
H32 GOL J . 30.16 15.91 27.97
HO3 GOL J . 29.83 16.83 25.78
C1 GOL K . 46.03 -8.54 21.86
O1 GOL K . 46.96 -9.40 21.23
C2 GOL K . 45.71 -7.37 20.90
O2 GOL K . 46.84 -6.87 20.30
C3 GOL K . 45.09 -6.28 21.80
O3 GOL K . 45.37 -5.02 21.22
H11 GOL K . 46.37 -8.18 22.70
H12 GOL K . 45.21 -9.00 22.09
HO1 GOL K . 47.48 -8.88 20.78
H2 GOL K . 45.12 -7.68 20.20
HO2 GOL K . 47.33 -6.56 20.93
H31 GOL K . 45.44 -6.37 22.70
H32 GOL K . 44.13 -6.46 21.89
HO3 GOL K . 45.39 -4.46 21.85
C1 GOL L . -4.49 -0.84 8.30
O1 GOL L . -4.11 -2.09 7.77
C2 GOL L . -3.30 0.13 8.17
O2 GOL L . -2.69 0.04 6.97
C3 GOL L . -3.92 1.49 8.46
O3 GOL L . -3.18 2.43 7.77
H11 GOL L . -5.26 -0.46 7.84
H12 GOL L . -4.75 -0.90 9.24
HO1 GOL L . -3.37 -1.97 7.38
H2 GOL L . -2.59 -0.07 8.81
HO2 GOL L . -2.03 -0.48 7.07
H31 GOL L . -4.86 1.47 8.19
H32 GOL L . -3.94 1.64 9.42
HO3 GOL L . -3.33 3.18 8.15
S SO4 M . -25.36 12.19 -15.97
O1 SO4 M . -24.45 12.99 -16.81
O2 SO4 M . -25.00 10.76 -16.01
O3 SO4 M . -26.71 12.31 -16.48
O4 SO4 M . -25.32 12.71 -14.59
S SO4 N . -26.30 5.22 -24.23
O1 SO4 N . -26.78 5.51 -25.58
O2 SO4 N . -25.24 4.22 -24.30
O3 SO4 N . -25.77 6.45 -23.64
O4 SO4 N . -27.34 4.68 -23.33
S SO4 O . -46.81 -1.98 -29.95
O1 SO4 O . -46.85 -1.64 -31.38
O2 SO4 O . -45.53 -2.62 -29.65
O3 SO4 O . -46.99 -0.73 -29.18
O4 SO4 O . -47.88 -2.93 -29.62
S SO4 P . -41.20 -4.71 -30.79
O1 SO4 P . -40.99 -4.06 -32.08
O2 SO4 P . -41.01 -6.17 -30.94
O3 SO4 P . -40.26 -4.17 -29.81
O4 SO4 P . -42.59 -4.46 -30.36
S SO4 Q . -5.33 19.14 0.06
O1 SO4 Q . -6.53 18.82 -0.71
O2 SO4 Q . -4.12 18.61 -0.56
O3 SO4 Q . -5.14 20.59 0.12
O4 SO4 Q . -5.51 18.59 1.40
S SO4 R . -28.05 5.45 -6.93
O1 SO4 R . -28.21 5.97 -8.28
O2 SO4 R . -27.90 3.99 -6.93
O3 SO4 R . -26.84 6.04 -6.33
O4 SO4 R . -29.25 5.75 -6.15
C24 TL0 S . -24.87 -4.56 0.03
F TL0 S . -34.54 -9.80 -7.99
C3 TL0 S . -33.29 -1.84 -3.03
O TL0 S . -27.81 -4.52 0.08
C1 TL0 S . -29.66 -2.16 -2.75
C2 TL0 S . -31.97 -1.55 -2.30
C TL0 S . -28.63 -2.59 -1.72
C4 TL0 S . -31.48 -3.57 -3.51
O1 TL0 S . -34.41 -2.23 -10.44
N TL0 S . -27.94 -3.78 -2.23
C9 TL0 S . -34.45 -4.32 -8.05
C8 TL0 S . -34.09 -3.06 -7.67
C7 TL0 S . -34.27 -1.88 -5.44
C6 TL0 S . -32.97 -1.80 -4.50
C5 TL0 S . -31.89 -2.82 -4.80
C10 TL0 S . -34.35 -5.01 -9.30
C14 TL0 S . -35.07 0.06 -10.16
C13 TL0 S . -34.43 -0.92 -11.08
N1 TL0 S . -31.01 -2.65 -2.46
C12 TL0 S . -34.09 -3.24 -11.24
C11 TL0 S . -34.22 -4.54 -10.60
C15 TL0 S . -34.52 -0.16 -8.78
C23 TL0 S . -25.54 -4.58 -1.18
C22 TL0 S . -34.41 -6.46 -9.38
C18 TL0 S . -34.34 -8.11 -11.18
C17 TL0 S . -34.32 -6.79 -10.74
C16 TL0 S . -34.77 1.47 -10.64
C19 TL0 S . -34.41 -9.13 -10.25
O2 TL0 S . -33.76 -3.09 -12.40
N2 TL0 S . -34.40 -2.99 -6.36
C21 TL0 S . -34.48 -7.49 -8.44
C20 TL0 S . -34.49 -8.79 -8.91
C25 TL0 S . -23.50 -4.37 0.05
C26 TL0 S . -22.79 -4.16 -1.12
C27 TL0 S . -21.30 -3.87 -1.10
C28 TL0 S . -20.34 -5.05 -1.34
C29 TL0 S . -20.46 -6.13 -0.25
C30 TL0 S . -20.56 -5.67 -2.70
C31 TL0 S . -23.49 -4.19 -2.32
C32 TL0 S . -24.85 -4.39 -2.36
N3 TL0 S . -34.94 -4.15 -5.94
N4 TL0 S . -34.97 -4.97 -6.97
N5 TL0 S . -34.21 -5.61 -11.47
O3 TL0 S . -27.54 -6.14 -1.75
S TL0 S . -27.29 -4.84 -1.20
CL CL T . -18.59 23.19 -8.73
C1 GOL U . -27.30 -2.80 -33.01
O1 GOL U . -27.69 -3.21 -34.29
C2 GOL U . -26.27 -1.74 -33.31
O2 GOL U . -26.55 -1.14 -34.54
C3 GOL U . -26.34 -0.72 -32.21
O3 GOL U . -25.35 0.18 -32.54
H11 GOL U . -28.02 -2.43 -32.48
H12 GOL U . -26.92 -3.51 -32.48
HO1 GOL U . -27.25 -3.91 -34.46
H2 GOL U . -25.38 -2.14 -33.33
HO2 GOL U . -27.18 -0.59 -34.42
H31 GOL U . -27.22 -0.35 -32.17
H32 GOL U . -26.21 -1.16 -31.36
HO3 GOL U . -25.75 0.88 -32.82
#